data_5TNL
#
_entry.id   5TNL
#
_cell.length_a   168.492
_cell.length_b   83.789
_cell.length_c   89.570
_cell.angle_alpha   90.00
_cell.angle_beta   100.39
_cell.angle_gamma   90.00
#
_symmetry.space_group_name_H-M   'C 1 2 1'
#
loop_
_entity.id
_entity.type
_entity.pdbx_description
1 polymer 'CFTR inhibitory factor'
2 non-polymer (2R)-hexane-1,2-diol
3 water water
#
_entity_poly.entity_id   1
_entity_poly.type   'polypeptide(L)'
_entity_poly.pdbx_seq_one_letter_code
;AEEFPVPNGFESAYREVDGVKLHYVKGGQGPLVMLVHGFGQTWYEWHQLMPELAKRFTVIAPDLPGLGQSEPPKTGYSGE
QVAVYLHKLARQFSPDRPFDLVAHDIGIWNTYPMVVKNQADIARLVYMQAPIPDARIYRFPAFTAQGESLVWHFSFFAAD
DRLAETLIAGKERFFLEHFIKSHASNTEVFSERLLDLYARSYAKPHSLNASFEYYRALNESVRQNAELAKTRLQMPTMTL
AGGGHGGMGTFQLEQMKAYAEDVEGHVLPGCGHWLPEECAAPMNRLVIDFLSRGRHHHHHH
;
_entity_poly.pdbx_strand_id   A,B,C,D
#
loop_
_chem_comp.id
_chem_comp.type
_chem_comp.name
_chem_comp.formula
7FB non-polymer (2R)-hexane-1,2-diol 'C6 H14 O2'
#
# COMPACT_ATOMS: atom_id res chain seq x y z
N ALA A 1 21.75 10.84 23.27
CA ALA A 1 21.26 10.53 21.93
C ALA A 1 19.76 10.19 21.95
N GLU A 2 19.02 10.74 20.99
CA GLU A 2 17.59 10.56 20.90
C GLU A 2 17.25 9.92 19.56
N GLU A 3 16.55 8.78 19.60
CA GLU A 3 16.21 8.09 18.37
C GLU A 3 15.15 8.85 17.57
N PHE A 4 14.31 9.65 18.24
CA PHE A 4 13.21 10.40 17.63
C PHE A 4 13.15 11.79 18.22
N PRO A 5 12.72 12.79 17.44
CA PRO A 5 12.70 14.17 17.93
C PRO A 5 11.63 14.36 19.00
N VAL A 6 12.05 14.94 20.12
CA VAL A 6 11.14 15.20 21.22
C VAL A 6 10.32 16.45 20.91
N PRO A 7 9.01 16.42 21.08
CA PRO A 7 8.21 17.63 20.81
C PRO A 7 8.63 18.76 21.74
N ASN A 8 8.48 19.99 21.25
CA ASN A 8 8.88 21.16 22.01
C ASN A 8 8.19 21.17 23.37
N GLY A 9 8.96 21.41 24.42
CA GLY A 9 8.42 21.46 25.76
C GLY A 9 8.38 20.14 26.49
N PHE A 10 8.69 19.03 25.82
CA PHE A 10 8.76 17.73 26.46
C PHE A 10 10.20 17.40 26.83
N GLU A 11 10.37 16.44 27.74
CA GLU A 11 11.70 15.97 28.14
C GLU A 11 11.81 14.48 27.84
N SER A 12 12.99 14.07 27.40
CA SER A 12 13.32 12.66 27.26
C SER A 12 14.16 12.26 28.46
N ALA A 13 13.76 11.20 29.16
CA ALA A 13 14.40 10.83 30.42
C ALA A 13 14.34 9.33 30.60
N TYR A 14 14.95 8.85 31.69
CA TYR A 14 14.97 7.42 31.99
C TYR A 14 14.62 7.21 33.46
N ARG A 15 14.03 6.05 33.75
CA ARG A 15 13.71 5.71 35.12
C ARG A 15 13.96 4.22 35.33
N GLU A 16 14.83 3.89 36.28
CA GLU A 16 15.10 2.51 36.65
C GLU A 16 13.90 1.95 37.42
N VAL A 17 13.32 0.85 36.92
CA VAL A 17 12.17 0.20 37.53
C VAL A 17 12.50 -1.28 37.66
N ASP A 18 12.61 -1.77 38.91
CA ASP A 18 12.92 -3.17 39.16
C ASP A 18 14.15 -3.62 38.35
N GLY A 19 15.18 -2.78 38.37
CA GLY A 19 16.43 -3.08 37.71
C GLY A 19 16.46 -2.86 36.22
N VAL A 20 15.39 -2.34 35.62
CA VAL A 20 15.32 -2.14 34.18
C VAL A 20 15.18 -0.65 33.91
N LYS A 21 16.08 -0.13 33.07
CA LYS A 21 16.09 1.29 32.76
C LYS A 21 15.10 1.55 31.63
N LEU A 22 14.01 2.24 31.93
CA LEU A 22 12.96 2.52 30.95
C LEU A 22 13.11 3.93 30.43
N HIS A 23 13.01 4.08 29.11
CA HIS A 23 13.00 5.40 28.51
C HIS A 23 11.56 5.90 28.41
N TYR A 24 11.39 7.22 28.56
CA TYR A 24 10.07 7.81 28.39
C TYR A 24 10.23 9.26 27.95
N VAL A 25 9.16 9.80 27.39
CA VAL A 25 9.06 11.22 27.07
C VAL A 25 7.88 11.78 27.84
N LYS A 26 8.08 12.94 28.48
CA LYS A 26 7.10 13.45 29.43
C LYS A 26 6.91 14.94 29.21
N GLY A 27 5.67 15.41 29.33
CA GLY A 27 5.43 16.83 29.28
C GLY A 27 4.05 17.14 29.83
N GLY A 28 3.79 18.42 30.02
CA GLY A 28 2.48 18.85 30.45
C GLY A 28 2.35 18.91 31.96
N GLN A 29 1.14 19.27 32.39
CA GLN A 29 0.79 19.43 33.80
C GLN A 29 -0.63 18.95 34.02
N GLY A 30 -0.91 18.50 35.24
CA GLY A 30 -2.22 17.99 35.57
C GLY A 30 -2.20 16.49 35.78
N PRO A 31 -3.38 15.86 35.82
CA PRO A 31 -3.43 14.41 36.06
C PRO A 31 -2.65 13.66 34.98
N LEU A 32 -2.18 12.48 35.36
CA LEU A 32 -1.28 11.71 34.50
C LEU A 32 -2.05 10.90 33.48
N VAL A 33 -1.59 10.94 32.23
CA VAL A 33 -1.99 9.96 31.21
C VAL A 33 -0.73 9.29 30.68
N MET A 34 -0.76 7.96 30.63
CA MET A 34 0.34 7.17 30.07
C MET A 34 -0.11 6.59 28.75
N LEU A 35 0.71 6.77 27.72
CA LEU A 35 0.45 6.28 26.36
C LEU A 35 1.46 5.18 26.03
N VAL A 36 0.98 4.00 25.62
CA VAL A 36 1.84 2.84 25.46
C VAL A 36 1.75 2.33 24.02
N HIS A 37 2.88 2.38 23.31
CA HIS A 37 2.98 2.07 21.89
C HIS A 37 2.94 0.55 21.67
N GLY A 38 2.96 0.15 20.39
CA GLY A 38 2.99 -1.26 20.03
C GLY A 38 4.12 -1.69 19.11
N PHE A 39 3.93 -2.84 18.46
CA PHE A 39 5.02 -3.45 17.70
C PHE A 39 5.37 -2.61 16.50
N GLY A 40 6.68 -2.54 16.21
CA GLY A 40 7.17 -1.80 15.06
C GLY A 40 7.40 -0.34 15.33
N GLN A 41 7.06 0.15 16.53
CA GLN A 41 7.10 1.56 16.81
C GLN A 41 7.68 1.77 18.20
N THR A 42 7.59 3.01 18.66
CA THR A 42 8.14 3.47 19.93
C THR A 42 7.19 4.55 20.46
N TRP A 43 7.62 5.24 21.51
CA TRP A 43 6.84 6.36 22.04
C TRP A 43 6.45 7.34 20.95
N TYR A 44 7.25 7.44 19.88
CA TYR A 44 7.08 8.45 18.85
C TYR A 44 5.76 8.33 18.10
N GLU A 45 5.11 7.16 18.12
CA GLU A 45 3.81 7.12 17.44
C GLU A 45 2.82 8.10 18.04
N TRP A 46 3.03 8.51 19.28
CA TRP A 46 2.15 9.41 20.00
C TRP A 46 2.54 10.87 19.85
N HIS A 47 3.56 11.20 19.05
CA HIS A 47 4.14 12.54 19.17
C HIS A 47 3.22 13.65 18.69
N GLN A 48 2.20 13.35 17.88
CA GLN A 48 1.27 14.39 17.47
C GLN A 48 0.14 14.56 18.46
N LEU A 49 -0.23 13.49 19.17
CA LEU A 49 -1.25 13.56 20.21
C LEU A 49 -0.72 14.19 21.50
N MET A 50 0.57 13.99 21.80
CA MET A 50 1.11 14.42 23.09
C MET A 50 0.99 15.91 23.36
N PRO A 51 1.32 16.82 22.43
CA PRO A 51 1.20 18.25 22.76
C PRO A 51 -0.22 18.69 23.05
N GLU A 52 -1.19 18.10 22.36
CA GLU A 52 -2.59 18.43 22.60
C GLU A 52 -3.04 17.97 23.98
N LEU A 53 -2.75 16.70 24.31
CA LEU A 53 -3.06 16.18 25.64
C LEU A 53 -2.35 16.96 26.73
N ALA A 54 -1.11 17.39 26.47
CA ALA A 54 -0.35 18.06 27.51
C ALA A 54 -0.90 19.42 27.88
N LYS A 55 -1.88 19.94 27.13
CA LYS A 55 -2.52 21.18 27.56
C LYS A 55 -3.43 20.96 28.77
N ARG A 56 -3.80 19.71 29.04
CA ARG A 56 -4.69 19.37 30.14
C ARG A 56 -4.14 18.31 31.09
N PHE A 57 -3.14 17.54 30.68
CA PHE A 57 -2.65 16.41 31.45
C PHE A 57 -1.14 16.46 31.54
N THR A 58 -0.61 15.78 32.55
CA THR A 58 0.77 15.33 32.50
C THR A 58 0.80 14.07 31.63
N VAL A 59 1.60 14.09 30.56
CA VAL A 59 1.63 12.99 29.60
C VAL A 59 2.98 12.29 29.69
N ILE A 60 2.97 10.96 29.80
CA ILE A 60 4.20 10.17 29.74
CA ILE A 60 4.20 10.18 29.73
C ILE A 60 4.03 9.08 28.68
N ALA A 61 5.05 8.91 27.85
CA ALA A 61 5.02 7.91 26.79
C ALA A 61 6.29 7.10 26.90
N PRO A 62 6.25 5.91 27.50
CA PRO A 62 7.46 5.10 27.63
C PRO A 62 7.71 4.24 26.40
N ASP A 63 8.96 3.84 26.25
CA ASP A 63 9.30 2.76 25.33
C ASP A 63 9.11 1.41 26.05
N LEU A 64 8.44 0.47 25.39
CA LEU A 64 8.27 -0.85 25.99
C LEU A 64 9.63 -1.49 26.25
N PRO A 65 9.75 -2.34 27.27
CA PRO A 65 11.04 -2.97 27.57
C PRO A 65 11.65 -3.65 26.36
N GLY A 66 12.91 -3.32 26.09
CA GLY A 66 13.64 -3.85 24.96
C GLY A 66 13.48 -3.07 23.67
N LEU A 67 12.43 -2.25 23.55
CA LEU A 67 12.14 -1.47 22.35
C LEU A 67 12.49 -0.01 22.58
N GLY A 68 12.63 0.73 21.49
CA GLY A 68 13.05 2.11 21.62
C GLY A 68 14.37 2.17 22.39
N GLN A 69 14.41 3.05 23.39
CA GLN A 69 15.60 3.23 24.22
C GLN A 69 15.45 2.60 25.60
N SER A 70 14.46 1.72 25.78
CA SER A 70 14.28 0.99 27.04
C SER A 70 15.05 -0.34 27.04
N GLU A 71 15.64 -0.66 28.19
CA GLU A 71 16.32 -1.93 28.38
C GLU A 71 15.32 -3.09 28.34
N PRO A 72 15.78 -4.29 27.95
CA PRO A 72 14.90 -5.46 27.97
C PRO A 72 14.47 -5.77 29.40
N PRO A 73 13.35 -6.46 29.55
CA PRO A 73 12.89 -6.81 30.90
C PRO A 73 13.80 -7.89 31.47
N LYS A 74 13.88 -7.90 32.80
CA LYS A 74 14.67 -8.90 33.51
C LYS A 74 13.85 -10.11 33.94
N THR A 75 12.53 -9.96 34.07
CA THR A 75 11.67 -11.09 34.42
C THR A 75 11.28 -11.88 33.19
N GLY A 76 10.54 -11.26 32.27
CA GLY A 76 10.09 -11.93 31.07
C GLY A 76 9.19 -11.01 30.27
N TYR A 77 8.68 -11.54 29.16
CA TYR A 77 7.93 -10.74 28.20
C TYR A 77 6.43 -11.01 28.21
N SER A 78 5.95 -11.85 29.12
CA SER A 78 4.51 -12.08 29.19
C SER A 78 3.81 -10.82 29.68
N GLY A 79 2.50 -10.72 29.39
CA GLY A 79 1.79 -9.50 29.72
C GLY A 79 1.87 -9.17 31.21
N GLU A 80 1.75 -10.18 32.05
CA GLU A 80 1.73 -9.94 33.49
C GLU A 80 3.09 -9.44 33.98
N GLN A 81 4.18 -9.94 33.38
CA GLN A 81 5.52 -9.52 33.79
C GLN A 81 5.83 -8.10 33.33
N VAL A 82 5.52 -7.79 32.07
CA VAL A 82 5.81 -6.45 31.55
C VAL A 82 4.92 -5.40 32.22
N ALA A 83 3.67 -5.76 32.52
CA ALA A 83 2.76 -4.77 33.11
C ALA A 83 3.27 -4.27 34.45
N VAL A 84 4.04 -5.09 35.18
CA VAL A 84 4.60 -4.62 36.44
C VAL A 84 5.46 -3.40 36.20
N TYR A 85 6.34 -3.45 35.19
CA TYR A 85 7.22 -2.32 34.94
C TYR A 85 6.42 -1.07 34.61
N LEU A 86 5.40 -1.21 33.76
CA LEU A 86 4.62 -0.05 33.34
C LEU A 86 3.80 0.51 34.49
N HIS A 87 3.21 -0.35 35.33
CA HIS A 87 2.44 0.12 36.48
C HIS A 87 3.34 0.89 37.44
N LYS A 88 4.49 0.32 37.79
CA LYS A 88 5.39 1.00 38.72
C LYS A 88 5.87 2.33 38.15
N LEU A 89 6.18 2.36 36.85
CA LEU A 89 6.62 3.61 36.25
C LEU A 89 5.56 4.70 36.38
N ALA A 90 4.32 4.38 36.00
CA ALA A 90 3.23 5.34 36.14
C ALA A 90 3.06 5.78 37.58
N ARG A 91 3.14 4.84 38.52
CA ARG A 91 2.91 5.22 39.91
C ARG A 91 4.05 6.02 40.51
N GLN A 92 5.25 6.00 39.91
CA GLN A 92 6.29 6.95 40.32
C GLN A 92 5.81 8.38 40.12
N PHE A 93 5.13 8.64 39.00
CA PHE A 93 4.70 9.99 38.66
C PHE A 93 3.31 10.33 39.18
N SER A 94 2.52 9.32 39.56
CA SER A 94 1.17 9.54 40.10
C SER A 94 0.95 8.62 41.29
N PRO A 95 1.69 8.85 42.39
CA PRO A 95 1.67 7.87 43.49
C PRO A 95 0.39 7.92 44.32
N ASP A 96 -0.37 9.00 44.26
CA ASP A 96 -1.51 9.20 45.17
C ASP A 96 -2.82 9.44 44.43
N ARG A 97 -2.82 9.31 43.11
CA ARG A 97 -4.00 9.58 42.29
C ARG A 97 -4.06 8.56 41.17
N PRO A 98 -5.25 8.17 40.74
CA PRO A 98 -5.35 7.30 39.55
C PRO A 98 -4.93 8.05 38.30
N PHE A 99 -4.46 7.28 37.32
CA PHE A 99 -4.01 7.83 36.05
C PHE A 99 -4.81 7.23 34.91
N ASP A 100 -4.75 7.89 33.75
CA ASP A 100 -5.38 7.40 32.53
C ASP A 100 -4.39 6.59 31.70
N LEU A 101 -4.93 5.68 30.88
CA LEU A 101 -4.10 4.80 30.07
C LEU A 101 -4.62 4.72 28.64
N VAL A 102 -3.73 4.93 27.69
CA VAL A 102 -4.00 4.73 26.26
C VAL A 102 -3.00 3.71 25.75
N ALA A 103 -3.45 2.69 25.04
CA ALA A 103 -2.53 1.69 24.56
C ALA A 103 -2.94 1.20 23.17
N HIS A 104 -1.92 0.89 22.36
CA HIS A 104 -2.06 0.49 20.97
C HIS A 104 -1.36 -0.85 20.76
N ASP A 105 -2.03 -1.80 20.10
CA ASP A 105 -1.36 -3.04 19.63
C ASP A 105 -0.83 -3.78 20.85
N ILE A 106 0.44 -4.21 20.88
CA ILE A 106 0.88 -5.02 22.01
C ILE A 106 1.02 -4.19 23.29
N GLY A 107 0.89 -2.86 23.20
CA GLY A 107 0.68 -2.08 24.41
C GLY A 107 -0.52 -2.55 25.22
N ILE A 108 -1.54 -3.10 24.55
CA ILE A 108 -2.67 -3.68 25.27
C ILE A 108 -2.25 -4.91 26.06
N TRP A 109 -1.53 -5.81 25.41
CA TRP A 109 -1.08 -7.03 26.06
C TRP A 109 -0.28 -6.71 27.31
N ASN A 110 0.54 -5.67 27.23
CA ASN A 110 1.49 -5.30 28.27
C ASN A 110 0.89 -4.40 29.33
N THR A 111 -0.38 -4.05 29.23
CA THR A 111 -1.03 -3.24 30.26
C THR A 111 -2.27 -3.88 30.84
N TYR A 112 -2.96 -4.75 30.11
CA TYR A 112 -4.20 -5.31 30.65
C TYR A 112 -4.03 -5.94 32.03
N PRO A 113 -2.98 -6.74 32.31
CA PRO A 113 -2.89 -7.32 33.67
C PRO A 113 -2.77 -6.28 34.77
N MET A 114 -2.01 -5.19 34.57
CA MET A 114 -1.95 -4.24 35.67
C MET A 114 -3.23 -3.43 35.81
N VAL A 115 -4.01 -3.30 34.73
CA VAL A 115 -5.31 -2.63 34.84
C VAL A 115 -6.25 -3.47 35.69
N VAL A 116 -6.34 -4.77 35.38
CA VAL A 116 -7.30 -5.63 36.07
C VAL A 116 -6.86 -5.89 37.51
N LYS A 117 -5.55 -5.88 37.77
CA LYS A 117 -5.07 -6.13 39.14
C LYS A 117 -5.01 -4.88 40.00
N ASN A 118 -5.14 -3.69 39.41
CA ASN A 118 -5.02 -2.43 40.14
C ASN A 118 -6.09 -1.45 39.65
N GLN A 119 -7.35 -1.88 39.67
CA GLN A 119 -8.40 -1.10 39.02
C GLN A 119 -8.55 0.30 39.62
N ALA A 120 -8.30 0.45 40.92
CA ALA A 120 -8.44 1.76 41.52
C ALA A 120 -7.37 2.74 41.05
N ASP A 121 -6.28 2.25 40.44
CA ASP A 121 -5.24 3.14 39.94
C ASP A 121 -5.53 3.66 38.54
N ILE A 122 -6.53 3.13 37.84
CA ILE A 122 -6.83 3.47 36.45
C ILE A 122 -8.12 4.27 36.42
N ALA A 123 -8.04 5.56 36.04
CA ALA A 123 -9.23 6.39 36.00
C ALA A 123 -10.06 6.09 34.75
N ARG A 124 -9.42 6.14 33.58
CA ARG A 124 -10.08 5.90 32.29
C ARG A 124 -9.08 5.19 31.38
N LEU A 125 -9.61 4.42 30.45
CA LEU A 125 -8.81 3.49 29.66
C LEU A 125 -9.20 3.60 28.19
N VAL A 126 -8.21 3.67 27.30
CA VAL A 126 -8.43 3.64 25.85
C VAL A 126 -7.55 2.56 25.24
N TYR A 127 -8.17 1.60 24.55
CA TYR A 127 -7.44 0.52 23.90
C TYR A 127 -7.71 0.57 22.39
N MET A 128 -6.68 0.36 21.58
CA MET A 128 -6.90 0.39 20.14
C MET A 128 -6.06 -0.66 19.41
N GLN A 129 -6.70 -1.35 18.46
CA GLN A 129 -6.05 -2.14 17.43
C GLN A 129 -5.15 -3.27 17.96
N ALA A 130 -5.77 -4.14 18.76
CA ALA A 130 -5.21 -5.48 18.98
C ALA A 130 -6.14 -6.24 19.91
N PRO A 131 -6.20 -7.56 19.79
CA PRO A 131 -6.98 -8.34 20.76
C PRO A 131 -6.25 -8.38 22.09
N ILE A 132 -7.03 -8.29 23.17
CA ILE A 132 -6.49 -8.74 24.45
C ILE A 132 -6.15 -10.22 24.31
N PRO A 133 -5.00 -10.68 24.80
CA PRO A 133 -4.68 -12.11 24.62
C PRO A 133 -5.70 -13.00 25.33
N ASP A 134 -6.44 -13.78 24.55
CA ASP A 134 -7.36 -14.78 25.09
C ASP A 134 -7.64 -15.80 23.99
N ALA A 135 -8.56 -16.73 24.26
CA ALA A 135 -8.78 -17.83 23.31
C ALA A 135 -9.29 -17.34 21.95
N ARG A 136 -9.79 -16.11 21.84
CA ARG A 136 -10.27 -15.61 20.56
C ARG A 136 -9.14 -15.52 19.54
N ILE A 137 -7.89 -15.38 19.98
CA ILE A 137 -6.81 -15.21 19.01
C ILE A 137 -6.57 -16.50 18.22
N TYR A 138 -6.98 -17.64 18.75
CA TYR A 138 -6.85 -18.90 18.02
C TYR A 138 -7.90 -19.08 16.93
N ARG A 139 -8.83 -18.13 16.80
CA ARG A 139 -9.88 -18.25 15.79
C ARG A 139 -9.63 -17.38 14.56
N PHE A 140 -8.57 -16.57 14.58
CA PHE A 140 -8.26 -15.77 13.41
C PHE A 140 -7.69 -16.68 12.31
N PRO A 141 -7.98 -16.39 11.04
CA PRO A 141 -7.56 -17.29 9.96
C PRO A 141 -6.11 -17.07 9.56
N ALA A 142 -5.50 -18.16 9.09
CA ALA A 142 -4.14 -18.09 8.57
C ALA A 142 -4.08 -17.40 7.21
N PHE A 143 -5.17 -17.45 6.45
CA PHE A 143 -5.17 -17.03 5.04
C PHE A 143 -6.58 -16.65 4.67
N THR A 144 -6.74 -15.55 3.91
CA THR A 144 -8.07 -15.06 3.59
C THR A 144 -8.28 -14.98 2.08
N ALA A 145 -9.57 -14.91 1.70
N ALA A 145 -9.56 -15.02 1.69
CA ALA A 145 -9.95 -14.78 0.30
CA ALA A 145 -9.93 -14.93 0.28
C ALA A 145 -9.33 -13.56 -0.38
C ALA A 145 -9.66 -13.53 -0.27
N GLN A 146 -8.71 -12.65 0.37
N GLN A 146 -9.86 -12.50 0.55
CA GLN A 146 -8.00 -11.52 -0.22
CA GLN A 146 -9.62 -11.13 0.15
C GLN A 146 -6.48 -11.72 -0.24
C GLN A 146 -8.72 -10.45 1.16
N GLY A 147 -5.96 -12.62 0.58
N GLY A 147 -7.99 -9.44 0.69
CA GLY A 147 -4.52 -12.83 0.72
CA GLY A 147 -7.02 -8.82 1.56
C GLY A 147 -4.06 -12.96 2.16
C GLY A 147 -5.98 -9.82 1.99
N GLU A 148 -2.93 -12.33 2.51
N GLU A 148 -5.47 -9.64 3.21
CA GLU A 148 -2.39 -12.52 3.86
CA GLU A 148 -4.50 -10.55 3.79
C GLU A 148 -3.34 -11.96 4.91
C GLU A 148 -4.89 -10.86 5.22
N SER A 149 -3.45 -12.65 6.04
N SER A 149 -4.50 -12.05 5.68
CA SER A 149 -4.43 -12.37 7.07
CA SER A 149 -4.64 -12.41 7.09
C SER A 149 -3.90 -11.37 8.08
C SER A 149 -4.03 -11.34 7.98
N LEU A 150 -4.77 -10.95 9.00
CA LEU A 150 -4.35 -9.91 9.93
C LEU A 150 -3.26 -10.39 10.89
N VAL A 151 -3.27 -11.66 11.30
CA VAL A 151 -2.37 -11.99 12.39
C VAL A 151 -1.56 -13.25 12.10
N TRP A 152 -1.33 -13.57 10.83
CA TRP A 152 -0.42 -14.68 10.55
C TRP A 152 0.97 -14.40 11.14
N HIS A 153 1.33 -13.12 11.31
CA HIS A 153 2.63 -12.81 11.90
C HIS A 153 2.76 -13.30 13.34
N PHE A 154 1.65 -13.57 14.03
CA PHE A 154 1.72 -14.22 15.35
C PHE A 154 2.57 -15.49 15.27
N SER A 155 2.29 -16.34 14.29
CA SER A 155 3.02 -17.59 14.17
C SER A 155 4.46 -17.35 13.74
N PHE A 156 4.65 -16.48 12.75
CA PHE A 156 6.00 -16.15 12.26
C PHE A 156 6.89 -15.68 13.40
N PHE A 157 6.39 -14.74 14.19
CA PHE A 157 7.19 -14.13 15.26
C PHE A 157 7.36 -15.09 16.42
N ALA A 158 6.40 -15.98 16.65
CA ALA A 158 6.51 -16.92 17.76
C ALA A 158 7.30 -18.18 17.42
N ALA A 159 7.65 -18.41 16.16
CA ALA A 159 8.30 -19.66 15.78
C ALA A 159 9.65 -19.80 16.48
N ASP A 160 10.05 -21.04 16.74
CA ASP A 160 11.32 -21.24 17.44
C ASP A 160 12.48 -21.16 16.44
N ASP A 161 13.68 -21.54 16.89
CA ASP A 161 14.91 -21.42 16.10
C ASP A 161 15.24 -19.98 15.76
N ARG A 162 14.67 -19.00 16.49
CA ARG A 162 14.84 -17.57 16.17
C ARG A 162 14.57 -17.31 14.69
N LEU A 163 13.51 -17.94 14.18
CA LEU A 163 13.22 -17.88 12.76
C LEU A 163 13.09 -16.43 12.28
N ALA A 164 12.26 -15.63 12.94
CA ALA A 164 11.99 -14.28 12.45
C ALA A 164 13.25 -13.40 12.52
N GLU A 165 13.97 -13.46 13.65
CA GLU A 165 15.18 -12.65 13.77
CA GLU A 165 15.19 -12.67 13.80
C GLU A 165 16.23 -13.06 12.76
N THR A 166 16.37 -14.36 12.51
CA THR A 166 17.38 -14.81 11.58
C THR A 166 17.06 -14.35 10.16
N LEU A 167 15.77 -14.37 9.79
CA LEU A 167 15.43 -13.94 8.43
C LEU A 167 15.45 -12.43 8.29
N ILE A 168 15.04 -11.69 9.33
CA ILE A 168 14.86 -10.25 9.19
C ILE A 168 16.13 -9.46 9.46
N ALA A 169 17.07 -10.01 10.24
CA ALA A 169 18.34 -9.33 10.50
C ALA A 169 19.00 -8.91 9.20
N GLY A 170 19.43 -7.65 9.14
CA GLY A 170 20.00 -7.09 7.92
C GLY A 170 18.98 -6.59 6.92
N LYS A 171 17.70 -6.93 7.10
CA LYS A 171 16.63 -6.52 6.19
C LYS A 171 15.51 -5.82 6.96
N GLU A 172 15.85 -5.16 8.08
CA GLU A 172 14.83 -4.62 8.97
C GLU A 172 14.05 -3.50 8.30
N ARG A 173 14.74 -2.66 7.53
CA ARG A 173 14.07 -1.54 6.87
C ARG A 173 13.09 -2.04 5.81
N PHE A 174 13.50 -3.02 5.02
CA PHE A 174 12.59 -3.64 4.06
C PHE A 174 11.40 -4.28 4.77
N PHE A 175 11.66 -5.06 5.81
CA PHE A 175 10.55 -5.78 6.43
C PHE A 175 9.57 -4.83 7.09
N LEU A 176 10.06 -3.80 7.78
CA LEU A 176 9.14 -2.94 8.51
C LEU A 176 8.26 -2.13 7.57
N GLU A 177 8.80 -1.65 6.44
CA GLU A 177 7.96 -0.96 5.47
C GLU A 177 6.86 -1.89 4.95
N HIS A 178 7.20 -3.15 4.66
CA HIS A 178 6.16 -4.06 4.18
C HIS A 178 5.13 -4.33 5.27
N PHE A 179 5.60 -4.61 6.49
CA PHE A 179 4.67 -4.91 7.58
C PHE A 179 3.74 -3.73 7.85
N ILE A 180 4.30 -2.52 7.92
CA ILE A 180 3.47 -1.37 8.22
C ILE A 180 2.48 -1.11 7.09
N LYS A 181 2.96 -1.06 5.85
CA LYS A 181 2.03 -0.71 4.77
C LYS A 181 1.00 -1.80 4.53
N SER A 182 1.35 -3.08 4.75
CA SER A 182 0.37 -4.13 4.53
C SER A 182 -0.75 -4.10 5.57
N HIS A 183 -0.52 -3.42 6.69
CA HIS A 183 -1.53 -3.25 7.72
C HIS A 183 -2.14 -1.85 7.71
N ALA A 184 -1.94 -1.07 6.66
CA ALA A 184 -2.43 0.30 6.60
C ALA A 184 -3.49 0.43 5.52
N SER A 185 -4.38 1.41 5.72
CA SER A 185 -5.29 1.90 4.69
C SER A 185 -4.74 3.15 4.01
N ASN A 186 -4.31 4.13 4.81
CA ASN A 186 -3.71 5.37 4.30
CA ASN A 186 -3.71 5.37 4.31
C ASN A 186 -2.19 5.20 4.38
N THR A 187 -1.64 4.50 3.36
CA THR A 187 -0.22 4.19 3.37
C THR A 187 0.64 5.43 3.17
N GLU A 188 0.08 6.49 2.59
CA GLU A 188 0.89 7.64 2.18
C GLU A 188 1.56 8.33 3.37
N VAL A 189 1.05 8.13 4.59
CA VAL A 189 1.65 8.82 5.72
C VAL A 189 2.99 8.21 6.11
N PHE A 190 3.30 7.01 5.62
CA PHE A 190 4.56 6.37 5.95
C PHE A 190 5.60 6.71 4.89
N SER A 191 6.07 7.95 4.99
CA SER A 191 7.18 8.44 4.19
C SER A 191 8.44 7.61 4.45
N GLU A 192 9.34 7.61 3.46
CA GLU A 192 10.61 6.93 3.64
C GLU A 192 11.36 7.48 4.85
N ARG A 193 11.26 8.80 5.10
CA ARG A 193 11.91 9.42 6.25
C ARG A 193 11.40 8.85 7.56
N LEU A 194 10.07 8.74 7.71
CA LEU A 194 9.52 8.19 8.95
C LEU A 194 9.86 6.70 9.09
N LEU A 195 9.77 5.94 7.99
CA LEU A 195 10.13 4.52 8.05
C LEU A 195 11.60 4.34 8.44
N ASP A 196 12.48 5.23 7.96
CA ASP A 196 13.88 5.13 8.35
C ASP A 196 14.01 5.27 9.87
N LEU A 197 13.27 6.19 10.47
CA LEU A 197 13.36 6.42 11.92
C LEU A 197 12.93 5.17 12.69
N TYR A 198 11.78 4.61 12.34
CA TYR A 198 11.32 3.42 13.05
C TYR A 198 12.25 2.24 12.80
N ALA A 199 12.75 2.08 11.56
CA ALA A 199 13.56 0.92 11.27
C ALA A 199 14.90 0.98 11.99
N ARG A 200 15.50 2.16 12.11
CA ARG A 200 16.79 2.24 12.80
C ARG A 200 16.65 1.83 14.25
N SER A 201 15.51 2.12 14.87
CA SER A 201 15.31 1.77 16.27
C SER A 201 15.17 0.27 16.45
N TYR A 202 14.29 -0.37 15.68
CA TYR A 202 14.07 -1.79 15.98
C TYR A 202 15.12 -2.69 15.33
N ALA A 203 16.05 -2.11 14.57
CA ALA A 203 17.18 -2.88 14.06
C ALA A 203 18.29 -3.07 15.08
N LYS A 204 18.29 -2.34 16.19
CA LYS A 204 19.21 -2.69 17.28
C LYS A 204 19.00 -4.17 17.61
N PRO A 205 20.05 -4.98 17.65
CA PRO A 205 19.85 -6.43 17.81
C PRO A 205 18.99 -6.82 19.00
N HIS A 206 19.19 -6.18 20.17
CA HIS A 206 18.36 -6.53 21.31
C HIS A 206 16.91 -6.08 21.11
N SER A 207 16.65 -5.06 20.28
CA SER A 207 15.28 -4.62 20.04
C SER A 207 14.57 -5.52 19.05
N LEU A 208 15.29 -5.98 18.03
CA LEU A 208 14.71 -6.96 17.11
C LEU A 208 14.33 -8.22 17.86
N ASN A 209 15.21 -8.69 18.76
CA ASN A 209 14.89 -9.88 19.53
C ASN A 209 13.76 -9.62 20.51
N ALA A 210 13.81 -8.48 21.22
CA ALA A 210 12.72 -8.16 22.15
C ALA A 210 11.37 -8.13 21.43
N SER A 211 11.32 -7.55 20.23
CA SER A 211 10.06 -7.46 19.49
C SER A 211 9.38 -8.82 19.41
N PHE A 212 10.15 -9.86 19.04
CA PHE A 212 9.55 -11.17 18.86
C PHE A 212 9.33 -11.93 20.15
N GLU A 213 10.05 -11.57 21.24
CA GLU A 213 9.84 -12.25 22.50
C GLU A 213 8.45 -11.97 23.05
N TYR A 214 7.85 -10.82 22.73
CA TYR A 214 6.47 -10.55 23.13
C TYR A 214 5.51 -11.56 22.51
N TYR A 215 5.78 -11.98 21.28
CA TYR A 215 4.95 -13.00 20.63
C TYR A 215 5.27 -14.37 21.13
N ARG A 216 6.55 -14.64 21.45
CA ARG A 216 6.90 -15.93 22.04
C ARG A 216 6.27 -16.13 23.40
N ALA A 217 5.87 -15.04 24.08
CA ALA A 217 5.18 -15.13 25.35
C ALA A 217 3.67 -15.05 25.23
N LEU A 218 3.13 -14.97 24.00
CA LEU A 218 1.70 -14.69 23.82
C LEU A 218 0.84 -15.81 24.42
N ASN A 219 1.21 -17.08 24.22
CA ASN A 219 0.40 -18.14 24.80
C ASN A 219 0.44 -18.13 26.32
N GLU A 220 1.57 -17.73 26.90
CA GLU A 220 1.61 -17.54 28.35
C GLU A 220 0.68 -16.41 28.78
N SER A 221 0.68 -15.30 28.02
CA SER A 221 -0.22 -14.19 28.34
C SER A 221 -1.69 -14.63 28.24
N VAL A 222 -2.02 -15.46 27.26
CA VAL A 222 -3.38 -16.02 27.17
C VAL A 222 -3.71 -16.79 28.44
N ARG A 223 -2.78 -17.64 28.89
CA ARG A 223 -3.05 -18.45 30.08
C ARG A 223 -3.19 -17.57 31.32
N GLN A 224 -2.35 -16.53 31.43
CA GLN A 224 -2.48 -15.57 32.52
C GLN A 224 -3.84 -14.90 32.49
N ASN A 225 -4.27 -14.42 31.33
CA ASN A 225 -5.50 -13.64 31.24
C ASN A 225 -6.74 -14.49 31.49
N ALA A 226 -6.66 -15.81 31.27
CA ALA A 226 -7.79 -16.68 31.55
C ALA A 226 -8.19 -16.63 33.02
N GLU A 227 -7.18 -16.51 33.90
CA GLU A 227 -7.44 -16.32 35.32
C GLU A 227 -7.82 -14.88 35.65
N LEU A 228 -7.10 -13.90 35.10
CA LEU A 228 -7.36 -12.52 35.47
C LEU A 228 -8.74 -12.06 35.02
N ALA A 229 -9.22 -12.54 33.88
CA ALA A 229 -10.46 -12.07 33.30
C ALA A 229 -11.70 -12.51 34.08
N LYS A 230 -11.54 -13.32 35.12
CA LYS A 230 -12.67 -13.61 35.99
C LYS A 230 -13.19 -12.37 36.71
N THR A 231 -12.45 -11.26 36.62
CA THR A 231 -12.85 -9.96 37.18
C THR A 231 -13.01 -8.98 36.03
N ARG A 232 -14.22 -8.41 35.89
CA ARG A 232 -14.47 -7.43 34.83
C ARG A 232 -13.89 -6.06 35.18
N LEU A 233 -13.55 -5.29 34.15
CA LEU A 233 -13.08 -3.92 34.31
C LEU A 233 -14.24 -2.99 34.62
N GLN A 234 -14.07 -2.14 35.63
CA GLN A 234 -15.14 -1.28 36.12
C GLN A 234 -15.02 0.18 35.68
N MET A 235 -13.89 0.59 35.16
CA MET A 235 -13.68 2.00 34.86
C MET A 235 -14.13 2.33 33.44
N PRO A 236 -14.41 3.60 33.13
CA PRO A 236 -14.84 3.94 31.78
C PRO A 236 -13.75 3.60 30.76
N THR A 237 -14.14 2.88 29.70
CA THR A 237 -13.23 2.39 28.67
CA THR A 237 -13.21 2.46 28.68
C THR A 237 -13.75 2.82 27.30
N MET A 238 -12.82 3.08 26.38
CA MET A 238 -13.13 3.35 25.00
C MET A 238 -12.23 2.47 24.13
N THR A 239 -12.79 1.87 23.09
CA THR A 239 -11.98 1.15 22.10
C THR A 239 -12.03 1.90 20.80
N LEU A 240 -10.91 1.90 20.09
CA LEU A 240 -10.82 2.39 18.73
C LEU A 240 -10.27 1.30 17.82
N ALA A 241 -10.80 1.24 16.60
CA ALA A 241 -10.35 0.28 15.61
C ALA A 241 -10.44 0.94 14.24
N GLY A 242 -9.55 0.55 13.34
CA GLY A 242 -9.70 0.95 11.95
C GLY A 242 -10.76 0.14 11.23
N GLY A 243 -11.47 0.81 10.30
CA GLY A 243 -12.46 0.14 9.46
C GLY A 243 -11.92 -0.21 8.08
N GLY A 244 -10.72 0.26 7.78
CA GLY A 244 -10.10 0.03 6.49
C GLY A 244 -9.14 -1.15 6.52
N HIS A 245 -8.34 -1.23 5.45
CA HIS A 245 -7.39 -2.33 5.32
C HIS A 245 -6.43 -2.37 6.49
N GLY A 246 -6.35 -3.52 7.16
CA GLY A 246 -5.52 -3.69 8.33
C GLY A 246 -6.22 -3.40 9.64
N GLY A 247 -7.46 -2.91 9.61
CA GLY A 247 -8.16 -2.61 10.84
C GLY A 247 -8.85 -3.83 11.43
N MET A 248 -9.04 -3.80 12.76
CA MET A 248 -9.75 -4.85 13.47
C MET A 248 -11.26 -4.76 13.33
N GLY A 249 -11.80 -3.65 12.82
CA GLY A 249 -13.24 -3.56 12.62
C GLY A 249 -14.02 -3.70 13.92
N THR A 250 -15.13 -4.42 13.85
CA THR A 250 -16.00 -4.55 15.02
C THR A 250 -15.43 -5.48 16.09
N PHE A 251 -14.37 -6.22 15.78
CA PHE A 251 -13.83 -7.16 16.77
C PHE A 251 -13.39 -6.44 18.05
N GLN A 252 -12.77 -5.27 17.90
CA GLN A 252 -12.19 -4.57 19.04
C GLN A 252 -13.23 -4.31 20.12
N LEU A 253 -14.36 -3.71 19.73
CA LEU A 253 -15.41 -3.44 20.71
C LEU A 253 -16.07 -4.72 21.18
N GLU A 254 -16.33 -5.67 20.27
CA GLU A 254 -17.06 -6.86 20.67
C GLU A 254 -16.31 -7.68 21.71
N GLN A 255 -14.98 -7.79 21.56
CA GLN A 255 -14.19 -8.47 22.60
C GLN A 255 -14.19 -7.67 23.89
N MET A 256 -14.03 -6.34 23.81
CA MET A 256 -13.96 -5.54 25.03
C MET A 256 -15.23 -5.63 25.86
N LYS A 257 -16.38 -5.87 25.24
CA LYS A 257 -17.62 -5.98 26.01
C LYS A 257 -17.59 -7.17 26.96
N ALA A 258 -16.82 -8.20 26.63
CA ALA A 258 -16.64 -9.32 27.55
C ALA A 258 -15.77 -8.95 28.74
N TYR A 259 -14.97 -7.87 28.62
CA TYR A 259 -14.01 -7.49 29.65
C TYR A 259 -14.44 -6.29 30.48
N ALA A 260 -15.30 -5.41 29.95
CA ALA A 260 -15.54 -4.12 30.57
C ALA A 260 -17.03 -3.89 30.76
N GLU A 261 -17.38 -3.35 31.93
CA GLU A 261 -18.77 -3.00 32.23
C GLU A 261 -19.20 -1.72 31.51
N ASP A 262 -18.28 -0.79 31.30
CA ASP A 262 -18.57 0.54 30.78
C ASP A 262 -17.66 0.75 29.57
N VAL A 263 -18.17 0.53 28.35
CA VAL A 263 -17.31 0.61 27.17
C VAL A 263 -18.07 1.21 26.01
N GLU A 264 -17.43 2.13 25.31
CA GLU A 264 -17.92 2.64 24.04
C GLU A 264 -16.83 2.39 23.00
N GLY A 265 -17.25 2.14 21.76
CA GLY A 265 -16.32 1.78 20.71
C GLY A 265 -16.55 2.60 19.47
N HIS A 266 -15.47 2.78 18.72
CA HIS A 266 -15.55 3.47 17.44
C HIS A 266 -14.73 2.71 16.41
N VAL A 267 -15.27 2.65 15.20
CA VAL A 267 -14.56 2.13 14.04
C VAL A 267 -14.34 3.31 13.09
N LEU A 268 -13.08 3.57 12.77
CA LEU A 268 -12.74 4.75 11.98
C LEU A 268 -12.62 4.37 10.52
N PRO A 269 -13.50 4.87 9.64
CA PRO A 269 -13.47 4.44 8.23
C PRO A 269 -12.25 4.99 7.50
N GLY A 270 -11.75 4.19 6.56
CA GLY A 270 -10.60 4.61 5.78
C GLY A 270 -9.31 4.62 6.54
N CYS A 271 -9.26 3.93 7.69
CA CYS A 271 -8.11 3.86 8.56
C CYS A 271 -7.80 2.40 8.84
N GLY A 272 -6.51 2.06 8.81
CA GLY A 272 -6.09 0.70 9.11
C GLY A 272 -5.60 0.50 10.53
N HIS A 273 -4.42 -0.12 10.66
CA HIS A 273 -3.89 -0.44 11.99
C HIS A 273 -3.30 0.78 12.71
N TRP A 274 -2.66 1.67 11.97
CA TRP A 274 -1.79 2.70 12.54
C TRP A 274 -2.56 4.00 12.77
N LEU A 275 -3.56 3.93 13.66
CA LEU A 275 -4.48 5.06 13.82
C LEU A 275 -3.81 6.39 14.10
N PRO A 276 -2.82 6.49 15.01
CA PRO A 276 -2.26 7.82 15.30
C PRO A 276 -1.65 8.51 14.11
N GLU A 277 -1.15 7.75 13.13
CA GLU A 277 -0.54 8.34 11.96
C GLU A 277 -1.48 8.39 10.77
N GLU A 278 -2.26 7.33 10.54
CA GLU A 278 -3.14 7.29 9.37
C GLU A 278 -4.33 8.22 9.51
N CYS A 279 -4.82 8.43 10.73
CA CYS A 279 -6.07 9.14 10.95
C CYS A 279 -5.92 10.00 12.22
N ALA A 280 -4.90 10.86 12.20
CA ALA A 280 -4.51 11.63 13.39
C ALA A 280 -5.65 12.53 13.86
N ALA A 281 -6.30 13.26 12.94
CA ALA A 281 -7.28 14.24 13.40
C ALA A 281 -8.48 13.56 14.07
N PRO A 282 -9.15 12.58 13.47
CA PRO A 282 -10.28 11.98 14.22
C PRO A 282 -9.84 11.18 15.43
N MET A 283 -8.70 10.49 15.37
CA MET A 283 -8.28 9.71 16.54
C MET A 283 -7.91 10.61 17.71
N ASN A 284 -7.11 11.64 17.45
CA ASN A 284 -6.75 12.56 18.51
C ASN A 284 -7.99 13.18 19.15
N ARG A 285 -8.96 13.57 18.32
CA ARG A 285 -10.18 14.18 18.84
C ARG A 285 -10.92 13.20 19.76
N LEU A 286 -11.06 11.95 19.32
CA LEU A 286 -11.80 10.98 20.13
C LEU A 286 -11.12 10.75 21.46
N VAL A 287 -9.78 10.65 21.47
CA VAL A 287 -9.04 10.36 22.69
C VAL A 287 -9.11 11.57 23.64
N ILE A 288 -8.86 12.78 23.11
CA ILE A 288 -8.87 13.97 23.95
C ILE A 288 -10.25 14.18 24.56
N ASP A 289 -11.31 14.02 23.76
CA ASP A 289 -12.66 14.20 24.29
C ASP A 289 -12.98 13.18 25.37
N PHE A 290 -12.60 11.92 25.15
CA PHE A 290 -12.93 10.88 26.11
C PHE A 290 -12.21 11.10 27.44
N LEU A 291 -10.91 11.43 27.37
CA LEU A 291 -10.16 11.65 28.60
C LEU A 291 -10.57 12.95 29.30
N SER A 292 -11.05 13.93 28.54
CA SER A 292 -11.46 15.20 29.13
C SER A 292 -12.82 15.14 29.79
N ARG A 293 -13.52 14.00 29.72
CA ARG A 293 -14.69 13.83 30.57
C ARG A 293 -14.29 13.74 32.05
N GLY A 294 -13.08 13.26 32.33
CA GLY A 294 -12.54 13.28 33.68
C GLY A 294 -11.86 14.61 33.99
N ARG A 295 -11.42 14.73 35.24
CA ARG A 295 -10.79 15.97 35.68
C ARG A 295 -9.41 16.14 35.06
N HIS A 296 -9.07 17.38 34.74
CA HIS A 296 -7.81 17.71 34.08
C HIS A 296 -7.39 19.14 34.38
N ALA B 1 24.70 -31.67 -15.01
CA ALA B 1 24.84 -32.01 -13.60
C ALA B 1 23.47 -32.19 -12.96
N GLU B 2 23.13 -33.43 -12.65
CA GLU B 2 21.86 -33.69 -11.97
C GLU B 2 21.88 -33.08 -10.59
N GLU B 3 20.74 -32.51 -10.19
CA GLU B 3 20.63 -32.00 -8.83
C GLU B 3 20.49 -33.11 -7.80
N PHE B 4 19.97 -34.27 -8.20
CA PHE B 4 19.73 -35.40 -7.31
C PHE B 4 20.13 -36.69 -8.00
N PRO B 5 20.55 -37.71 -7.25
CA PRO B 5 21.00 -38.96 -7.88
C PRO B 5 19.83 -39.76 -8.43
N VAL B 6 20.02 -40.28 -9.65
CA VAL B 6 18.95 -40.99 -10.36
C VAL B 6 19.01 -42.47 -9.99
N PRO B 7 17.89 -43.08 -9.62
CA PRO B 7 17.91 -44.52 -9.28
C PRO B 7 18.32 -45.38 -10.47
N ASN B 8 18.94 -46.51 -10.16
CA ASN B 8 19.38 -47.43 -11.20
C ASN B 8 18.19 -47.89 -12.03
N GLY B 9 18.37 -47.95 -13.34
CA GLY B 9 17.29 -48.31 -14.24
C GLY B 9 16.36 -47.17 -14.61
N PHE B 10 16.58 -45.96 -14.11
CA PHE B 10 15.79 -44.79 -14.49
C PHE B 10 16.64 -43.84 -15.32
N GLU B 11 15.95 -43.01 -16.10
CA GLU B 11 16.61 -42.00 -16.92
C GLU B 11 16.07 -40.62 -16.55
N SER B 12 16.98 -39.65 -16.52
CA SER B 12 16.62 -38.25 -16.36
C SER B 12 16.55 -37.61 -17.74
N ALA B 13 15.46 -36.92 -18.04
CA ALA B 13 15.20 -36.46 -19.39
C ALA B 13 14.34 -35.20 -19.36
N TYR B 14 14.10 -34.65 -20.54
CA TYR B 14 13.34 -33.41 -20.69
C TYR B 14 12.37 -33.55 -21.85
N ARG B 15 11.20 -32.94 -21.71
CA ARG B 15 10.26 -32.80 -22.82
C ARG B 15 9.76 -31.36 -22.87
N GLU B 16 9.65 -30.83 -24.08
CA GLU B 16 9.04 -29.52 -24.28
C GLU B 16 7.52 -29.67 -24.30
N VAL B 17 6.83 -28.93 -23.44
CA VAL B 17 5.37 -28.95 -23.36
C VAL B 17 4.89 -27.50 -23.44
N ASP B 18 4.18 -27.16 -24.51
CA ASP B 18 3.69 -25.79 -24.70
C ASP B 18 4.81 -24.77 -24.52
N GLY B 19 5.99 -25.08 -25.08
CA GLY B 19 7.10 -24.16 -25.03
C GLY B 19 7.86 -24.10 -23.73
N VAL B 20 7.56 -24.99 -22.78
CA VAL B 20 8.22 -25.05 -21.49
C VAL B 20 8.98 -26.36 -21.40
N LYS B 21 10.26 -26.31 -21.08
CA LYS B 21 11.09 -27.50 -21.01
C LYS B 21 10.97 -28.11 -19.61
N LEU B 22 10.28 -29.25 -19.53
CA LEU B 22 9.98 -29.92 -18.27
C LEU B 22 10.99 -31.05 -18.04
N HIS B 23 11.52 -31.12 -16.83
CA HIS B 23 12.41 -32.21 -16.44
C HIS B 23 11.61 -33.30 -15.75
N TYR B 24 12.01 -34.55 -15.97
CA TYR B 24 11.38 -35.68 -15.31
C TYR B 24 12.38 -36.84 -15.22
N VAL B 25 12.08 -37.78 -14.33
CA VAL B 25 12.81 -39.03 -14.20
C VAL B 25 11.82 -40.15 -14.44
N LYS B 26 12.21 -41.11 -15.28
CA LYS B 26 11.28 -42.12 -15.80
C LYS B 26 11.93 -43.49 -15.82
N GLY B 27 11.17 -44.51 -15.42
CA GLY B 27 11.64 -45.88 -15.51
C GLY B 27 10.46 -46.82 -15.48
N GLY B 28 10.76 -48.10 -15.69
CA GLY B 28 9.77 -49.14 -15.61
C GLY B 28 9.06 -49.40 -16.93
N GLN B 29 8.13 -50.35 -16.88
CA GLN B 29 7.30 -50.70 -18.03
C GLN B 29 5.91 -51.06 -17.52
N GLY B 30 4.91 -50.88 -18.38
CA GLY B 30 3.54 -51.11 -18.00
C GLY B 30 2.73 -49.82 -18.05
N PRO B 31 1.51 -49.85 -17.50
CA PRO B 31 0.69 -48.63 -17.46
C PRO B 31 1.41 -47.53 -16.68
N LEU B 32 1.07 -46.29 -17.03
CA LEU B 32 1.80 -45.12 -16.56
C LEU B 32 1.28 -44.65 -15.20
N VAL B 33 2.21 -44.37 -14.30
CA VAL B 33 1.91 -43.67 -13.05
CA VAL B 33 1.92 -43.67 -13.04
C VAL B 33 2.77 -42.41 -13.02
N MET B 34 2.12 -41.26 -12.83
CA MET B 34 2.82 -39.99 -12.69
C MET B 34 2.80 -39.58 -11.23
N LEU B 35 3.98 -39.27 -10.68
CA LEU B 35 4.14 -38.87 -9.29
C LEU B 35 4.54 -37.41 -9.27
N VAL B 36 3.78 -36.57 -8.53
CA VAL B 36 3.96 -35.12 -8.57
C VAL B 36 4.28 -34.62 -7.16
N HIS B 37 5.47 -34.03 -7.01
CA HIS B 37 6.01 -33.55 -5.75
C HIS B 37 5.38 -32.21 -5.32
N GLY B 38 5.78 -31.74 -4.13
CA GLY B 38 5.26 -30.50 -3.59
C GLY B 38 6.32 -29.49 -3.21
N PHE B 39 5.94 -28.52 -2.36
CA PHE B 39 6.83 -27.42 -2.02
C PHE B 39 8.05 -27.89 -1.23
N GLY B 40 9.19 -27.26 -1.51
CA GLY B 40 10.44 -27.57 -0.84
C GLY B 40 11.19 -28.76 -1.42
N GLN B 41 10.60 -29.44 -2.38
CA GLN B 41 11.12 -30.71 -2.85
C GLN B 41 11.07 -30.72 -4.38
N THR B 42 11.44 -31.87 -4.93
CA THR B 42 11.52 -32.08 -6.36
C THR B 42 11.05 -33.50 -6.62
N TRP B 43 11.28 -33.99 -7.85
CA TRP B 43 10.98 -35.38 -8.17
C TRP B 43 11.60 -36.33 -7.15
N TYR B 44 12.73 -35.94 -6.56
CA TYR B 44 13.53 -36.85 -5.75
C TYR B 44 12.79 -37.33 -4.50
N GLU B 45 11.74 -36.65 -4.06
CA GLU B 45 11.03 -37.16 -2.89
C GLU B 45 10.39 -38.52 -3.18
N TRP B 46 10.23 -38.88 -4.45
CA TRP B 46 9.68 -40.17 -4.81
C TRP B 46 10.74 -41.25 -5.07
N HIS B 47 12.01 -40.98 -4.79
CA HIS B 47 13.05 -41.88 -5.26
C HIS B 47 13.03 -43.23 -4.56
N GLN B 48 12.39 -43.34 -3.41
CA GLN B 48 12.28 -44.65 -2.76
C GLN B 48 11.10 -45.44 -3.29
N LEU B 49 10.00 -44.76 -3.63
CA LEU B 49 8.83 -45.43 -4.18
C LEU B 49 9.07 -45.87 -5.63
N MET B 50 9.80 -45.06 -6.41
CA MET B 50 9.90 -45.28 -7.85
C MET B 50 10.40 -46.67 -8.22
N PRO B 51 11.48 -47.20 -7.63
CA PRO B 51 11.94 -48.55 -8.03
C PRO B 51 10.97 -49.65 -7.69
N GLU B 52 10.27 -49.56 -6.56
CA GLU B 52 9.24 -50.54 -6.24
C GLU B 52 8.10 -50.48 -7.24
N LEU B 53 7.62 -49.27 -7.52
CA LEU B 53 6.51 -49.09 -8.45
C LEU B 53 6.90 -49.51 -9.86
N ALA B 54 8.17 -49.33 -10.22
CA ALA B 54 8.63 -49.66 -11.58
C ALA B 54 8.62 -51.15 -11.85
N LYS B 55 8.38 -51.99 -10.85
CA LYS B 55 8.28 -53.42 -11.08
C LYS B 55 7.01 -53.77 -11.83
N ARG B 56 5.98 -52.92 -11.74
CA ARG B 56 4.69 -53.18 -12.37
C ARG B 56 4.18 -52.05 -13.24
N PHE B 57 4.81 -50.87 -13.21
CA PHE B 57 4.31 -49.71 -13.94
C PHE B 57 5.45 -48.98 -14.61
N THR B 58 5.11 -48.21 -15.64
CA THR B 58 5.99 -47.14 -16.11
C THR B 58 5.80 -45.96 -15.17
N VAL B 59 6.89 -45.46 -14.60
CA VAL B 59 6.83 -44.42 -13.57
C VAL B 59 7.48 -43.17 -14.12
N ILE B 60 6.79 -42.05 -14.03
CA ILE B 60 7.36 -40.75 -14.39
C ILE B 60 7.16 -39.79 -13.22
N ALA B 61 8.23 -39.08 -12.85
CA ALA B 61 8.21 -38.10 -11.77
C ALA B 61 8.74 -36.78 -12.29
N PRO B 62 7.87 -35.84 -12.65
CA PRO B 62 8.34 -34.56 -13.18
C PRO B 62 8.68 -33.58 -12.08
N ASP B 63 9.56 -32.63 -12.42
CA ASP B 63 9.72 -31.43 -11.60
C ASP B 63 8.65 -30.41 -11.98
N LEU B 64 7.98 -29.86 -10.98
CA LEU B 64 6.96 -28.83 -11.22
C LEU B 64 7.59 -27.65 -11.96
N PRO B 65 6.83 -26.96 -12.80
CA PRO B 65 7.41 -25.82 -13.53
C PRO B 65 8.08 -24.82 -12.58
N GLY B 66 9.31 -24.47 -12.93
CA GLY B 66 10.10 -23.53 -12.18
C GLY B 66 10.91 -24.15 -11.05
N LEU B 67 10.58 -25.37 -10.66
CA LEU B 67 11.25 -26.07 -9.57
C LEU B 67 12.12 -27.18 -10.13
N GLY B 68 13.03 -27.66 -9.29
CA GLY B 68 13.99 -28.65 -9.76
C GLY B 68 14.69 -28.16 -11.00
N GLN B 69 14.68 -28.98 -12.04
CA GLN B 69 15.30 -28.63 -13.31
C GLN B 69 14.29 -28.29 -14.41
N SER B 70 13.05 -27.97 -14.04
CA SER B 70 12.01 -27.61 -15.02
C SER B 70 11.96 -26.09 -15.22
N GLU B 71 11.74 -25.67 -16.46
CA GLU B 71 11.57 -24.26 -16.75
C GLU B 71 10.29 -23.71 -16.12
N PRO B 72 10.27 -22.42 -15.77
CA PRO B 72 9.03 -21.81 -15.25
C PRO B 72 7.93 -21.88 -16.27
N PRO B 73 6.67 -21.80 -15.84
CA PRO B 73 5.57 -21.79 -16.80
C PRO B 73 5.56 -20.47 -17.56
N LYS B 74 5.13 -20.54 -18.81
CA LYS B 74 4.97 -19.33 -19.61
C LYS B 74 3.56 -18.78 -19.57
N THR B 75 2.62 -19.49 -18.96
CA THR B 75 1.28 -18.99 -18.76
C THR B 75 1.14 -18.42 -17.36
N GLY B 76 1.18 -19.26 -16.33
CA GLY B 76 1.09 -18.77 -14.97
C GLY B 76 1.13 -19.94 -13.99
N TYR B 77 0.96 -19.62 -12.71
CA TYR B 77 1.13 -20.61 -11.65
C TYR B 77 -0.18 -21.06 -11.01
N SER B 78 -1.33 -20.64 -11.52
CA SER B 78 -2.59 -21.15 -10.97
C SER B 78 -2.73 -22.64 -11.30
N GLY B 79 -3.55 -23.33 -10.51
CA GLY B 79 -3.72 -24.77 -10.69
C GLY B 79 -4.14 -25.13 -12.11
N GLU B 80 -5.08 -24.37 -12.68
CA GLU B 80 -5.56 -24.73 -14.01
C GLU B 80 -4.48 -24.53 -15.06
N GLN B 81 -3.64 -23.50 -14.91
CA GLN B 81 -2.56 -23.29 -15.88
C GLN B 81 -1.47 -24.35 -15.74
N VAL B 82 -1.09 -24.68 -14.51
CA VAL B 82 0.00 -25.63 -14.34
C VAL B 82 -0.46 -27.03 -14.73
N ALA B 83 -1.72 -27.34 -14.45
CA ALA B 83 -2.22 -28.68 -14.74
C ALA B 83 -2.17 -29.00 -16.22
N VAL B 84 -2.24 -27.98 -17.08
CA VAL B 84 -2.15 -28.22 -18.52
C VAL B 84 -0.80 -28.85 -18.85
N TYR B 85 0.28 -28.30 -18.29
CA TYR B 85 1.62 -28.84 -18.55
C TYR B 85 1.71 -30.29 -18.09
N LEU B 86 1.21 -30.59 -16.90
CA LEU B 86 1.33 -31.94 -16.36
C LEU B 86 0.46 -32.92 -17.12
N HIS B 87 -0.75 -32.50 -17.50
CA HIS B 87 -1.61 -33.38 -18.31
C HIS B 87 -0.97 -33.70 -19.66
N LYS B 88 -0.48 -32.66 -20.35
CA LYS B 88 0.11 -32.90 -21.65
C LYS B 88 1.38 -33.72 -21.57
N LEU B 89 2.17 -33.53 -20.51
CA LEU B 89 3.35 -34.38 -20.32
C LEU B 89 2.95 -35.84 -20.19
N ALA B 90 1.94 -36.13 -19.35
CA ALA B 90 1.52 -37.51 -19.17
C ALA B 90 1.01 -38.10 -20.47
N ARG B 91 0.25 -37.33 -21.25
CA ARG B 91 -0.29 -37.84 -22.50
C ARG B 91 0.78 -38.15 -23.53
N GLN B 92 1.94 -37.48 -23.43
CA GLN B 92 3.03 -37.85 -24.35
C GLN B 92 3.48 -39.28 -24.13
N PHE B 93 3.31 -39.80 -22.91
CA PHE B 93 3.78 -41.14 -22.60
C PHE B 93 2.67 -42.17 -22.50
N SER B 94 1.43 -41.75 -22.23
CA SER B 94 0.29 -42.67 -22.18
C SER B 94 -0.85 -42.12 -23.03
N PRO B 95 -0.65 -41.98 -24.35
CA PRO B 95 -1.71 -41.38 -25.18
C PRO B 95 -2.92 -42.28 -25.37
N ASP B 96 -2.79 -43.59 -25.18
CA ASP B 96 -3.83 -44.53 -25.56
C ASP B 96 -4.48 -45.24 -24.38
N ARG B 97 -4.08 -44.94 -23.16
CA ARG B 97 -4.69 -45.57 -22.00
C ARG B 97 -4.69 -44.57 -20.85
N PRO B 98 -5.64 -44.68 -19.92
CA PRO B 98 -5.60 -43.80 -18.75
C PRO B 98 -4.40 -44.10 -17.88
N PHE B 99 -3.95 -43.08 -17.16
CA PHE B 99 -2.80 -43.22 -16.28
C PHE B 99 -3.21 -42.98 -14.84
N ASP B 100 -2.37 -43.44 -13.91
CA ASP B 100 -2.56 -43.20 -12.49
C ASP B 100 -1.83 -41.92 -12.09
N LEU B 101 -2.33 -41.29 -11.02
CA LEU B 101 -1.73 -40.05 -10.55
C LEU B 101 -1.56 -40.11 -9.05
N VAL B 102 -0.37 -39.79 -8.58
CA VAL B 102 -0.07 -39.66 -7.15
C VAL B 102 0.52 -38.27 -6.94
N ALA B 103 -0.04 -37.51 -6.00
CA ALA B 103 0.48 -36.16 -5.78
C ALA B 103 0.53 -35.84 -4.30
N HIS B 104 1.50 -35.00 -3.94
CA HIS B 104 1.80 -34.60 -2.56
C HIS B 104 1.83 -33.07 -2.47
N ASP B 105 1.19 -32.52 -1.44
CA ASP B 105 1.29 -31.07 -1.12
C ASP B 105 0.78 -30.29 -2.34
N ILE B 106 1.50 -29.28 -2.83
CA ILE B 106 0.97 -28.47 -3.94
C ILE B 106 0.89 -29.24 -5.25
N GLY B 107 1.46 -30.44 -5.31
CA GLY B 107 1.18 -31.32 -6.45
C GLY B 107 -0.31 -31.57 -6.63
N ILE B 108 -1.07 -31.58 -5.52
CA ILE B 108 -2.53 -31.64 -5.59
C ILE B 108 -3.08 -30.40 -6.28
N TRP B 109 -2.63 -29.21 -5.86
CA TRP B 109 -3.13 -27.97 -6.45
C TRP B 109 -2.93 -27.94 -7.95
N ASN B 110 -1.81 -28.48 -8.39
CA ASN B 110 -1.36 -28.42 -9.76
C ASN B 110 -1.86 -29.58 -10.60
N THR B 111 -2.61 -30.51 -10.01
CA THR B 111 -3.18 -31.59 -10.79
C THR B 111 -4.69 -31.69 -10.73
N TYR B 112 -5.32 -31.21 -9.65
CA TYR B 112 -6.77 -31.37 -9.53
C TYR B 112 -7.54 -30.88 -10.75
N PRO B 113 -7.25 -29.71 -11.33
CA PRO B 113 -8.05 -29.28 -12.48
C PRO B 113 -7.95 -30.23 -13.67
N MET B 114 -6.79 -30.83 -13.92
CA MET B 114 -6.73 -31.71 -15.08
C MET B 114 -7.38 -33.06 -14.80
N VAL B 115 -7.40 -33.49 -13.52
CA VAL B 115 -8.14 -34.70 -13.18
C VAL B 115 -9.63 -34.50 -13.42
N VAL B 116 -10.18 -33.37 -12.97
CA VAL B 116 -11.62 -33.18 -13.01
C VAL B 116 -12.08 -32.91 -14.44
N LYS B 117 -11.22 -32.28 -15.26
CA LYS B 117 -11.60 -31.97 -16.64
C LYS B 117 -11.28 -33.09 -17.63
N ASN B 118 -10.50 -34.08 -17.25
CA ASN B 118 -10.08 -35.18 -18.13
C ASN B 118 -10.22 -36.51 -17.43
N GLN B 119 -11.41 -36.79 -16.88
CA GLN B 119 -11.55 -37.95 -15.99
C GLN B 119 -11.31 -39.26 -16.70
N ALA B 120 -11.66 -39.35 -18.00
CA ALA B 120 -11.40 -40.57 -18.76
C ALA B 120 -9.91 -40.89 -18.86
N ASP B 121 -9.05 -39.89 -18.69
CA ASP B 121 -7.61 -40.10 -18.73
C ASP B 121 -7.01 -40.56 -17.41
N ILE B 122 -7.77 -40.59 -16.32
CA ILE B 122 -7.22 -40.86 -15.00
C ILE B 122 -7.77 -42.19 -14.52
N ALA B 123 -6.91 -43.20 -14.40
CA ALA B 123 -7.39 -44.50 -13.96
C ALA B 123 -7.66 -44.51 -12.46
N ARG B 124 -6.65 -44.15 -11.67
CA ARG B 124 -6.74 -44.13 -10.21
C ARG B 124 -5.97 -42.92 -9.70
N LEU B 125 -6.37 -42.42 -8.51
CA LEU B 125 -5.86 -41.16 -7.99
C LEU B 125 -5.44 -41.32 -6.53
N VAL B 126 -4.24 -40.86 -6.20
CA VAL B 126 -3.78 -40.84 -4.81
C VAL B 126 -3.35 -39.42 -4.46
N TYR B 127 -3.94 -38.86 -3.40
CA TYR B 127 -3.65 -37.50 -2.97
C TYR B 127 -3.19 -37.54 -1.52
N MET B 128 -2.10 -36.84 -1.20
CA MET B 128 -1.62 -36.83 0.18
C MET B 128 -1.18 -35.44 0.63
N GLN B 129 -1.61 -35.07 1.84
CA GLN B 129 -0.99 -34.01 2.64
C GLN B 129 -1.03 -32.64 1.97
N ALA B 130 -2.24 -32.22 1.60
CA ALA B 130 -2.57 -30.81 1.35
C ALA B 130 -4.04 -30.70 0.98
N PRO B 131 -4.70 -29.62 1.37
CA PRO B 131 -6.09 -29.43 0.94
C PRO B 131 -6.14 -29.15 -0.57
N ILE B 132 -7.15 -29.70 -1.21
CA ILE B 132 -7.51 -29.14 -2.52
C ILE B 132 -7.89 -27.68 -2.32
N PRO B 133 -7.44 -26.75 -3.17
CA PRO B 133 -7.76 -25.34 -2.93
C PRO B 133 -9.26 -25.08 -3.00
N ASP B 134 -9.85 -24.74 -1.87
CA ASP B 134 -11.26 -24.37 -1.80
C ASP B 134 -11.47 -23.57 -0.52
N ALA B 135 -12.73 -23.22 -0.26
CA ALA B 135 -13.04 -22.32 0.86
C ALA B 135 -12.61 -22.89 2.22
N ARG B 136 -12.36 -24.20 2.30
CA ARG B 136 -11.95 -24.78 3.57
C ARG B 136 -10.61 -24.22 4.05
N ILE B 137 -9.75 -23.79 3.12
CA ILE B 137 -8.43 -23.31 3.54
C ILE B 137 -8.54 -22.02 4.33
N TYR B 138 -9.66 -21.30 4.23
CA TYR B 138 -9.85 -20.06 4.98
C TYR B 138 -10.24 -20.29 6.44
N ARG B 139 -10.40 -21.54 6.85
CA ARG B 139 -10.74 -21.88 8.22
C ARG B 139 -9.54 -22.29 9.06
N PHE B 140 -8.40 -22.54 8.44
CA PHE B 140 -7.21 -22.91 9.22
C PHE B 140 -6.77 -21.73 10.07
N PRO B 141 -6.35 -21.97 11.30
CA PRO B 141 -5.99 -20.87 12.20
C PRO B 141 -4.62 -20.28 11.93
N ALA B 142 -4.51 -18.98 12.25
CA ALA B 142 -3.26 -18.24 12.11
C ALA B 142 -2.25 -18.61 13.21
N PHE B 143 -2.72 -19.07 14.37
CA PHE B 143 -1.91 -19.26 15.56
C PHE B 143 -2.62 -20.29 16.44
N THR B 144 -1.84 -21.07 17.18
CA THR B 144 -2.39 -22.11 18.04
C THR B 144 -1.85 -21.98 19.46
N ALA B 145 -2.54 -22.62 20.39
CA ALA B 145 -2.10 -22.58 21.78
C ALA B 145 -0.79 -23.33 22.02
N GLN B 146 -0.23 -23.99 21.02
CA GLN B 146 1.07 -24.63 21.14
C GLN B 146 2.17 -23.94 20.36
N GLY B 147 1.87 -22.83 19.68
CA GLY B 147 2.84 -22.13 18.85
C GLY B 147 2.36 -21.99 17.42
N GLU B 148 3.32 -21.98 16.50
CA GLU B 148 3.00 -21.70 15.10
C GLU B 148 2.05 -22.77 14.55
N SER B 149 1.18 -22.33 13.65
CA SER B 149 0.14 -23.17 13.07
C SER B 149 0.62 -23.86 11.79
N LEU B 150 -0.24 -24.76 11.28
CA LEU B 150 0.17 -25.58 10.14
C LEU B 150 0.34 -24.77 8.85
N VAL B 151 -0.51 -23.78 8.61
CA VAL B 151 -0.46 -23.16 7.29
C VAL B 151 -0.35 -21.64 7.31
N TRP B 152 0.23 -21.06 8.37
CA TRP B 152 0.51 -19.63 8.30
C TRP B 152 1.43 -19.29 7.12
N HIS B 153 2.21 -20.27 6.65
CA HIS B 153 3.07 -20.00 5.50
C HIS B 153 2.28 -19.66 4.23
N PHE B 154 1.00 -20.04 4.15
CA PHE B 154 0.19 -19.60 3.01
C PHE B 154 0.25 -18.08 2.86
N SER B 155 0.12 -17.36 3.97
CA SER B 155 0.12 -15.89 3.92
C SER B 155 1.53 -15.35 3.70
N PHE B 156 2.52 -15.95 4.35
CA PHE B 156 3.91 -15.53 4.18
C PHE B 156 4.33 -15.65 2.71
N PHE B 157 4.03 -16.79 2.10
CA PHE B 157 4.47 -17.04 0.72
C PHE B 157 3.66 -16.23 -0.29
N ALA B 158 2.38 -15.94 0.00
CA ALA B 158 1.56 -15.20 -0.96
C ALA B 158 1.77 -13.69 -0.87
N ALA B 159 2.42 -13.20 0.19
CA ALA B 159 2.63 -11.77 0.37
C ALA B 159 3.35 -11.17 -0.84
N ASP B 160 3.04 -9.90 -1.13
CA ASP B 160 3.67 -9.22 -2.25
C ASP B 160 5.01 -8.65 -1.82
N ASP B 161 5.55 -7.68 -2.58
CA ASP B 161 6.88 -7.13 -2.32
C ASP B 161 7.98 -8.19 -2.36
N ARG B 162 7.72 -9.35 -2.96
CA ARG B 162 8.63 -10.51 -2.88
C ARG B 162 9.10 -10.73 -1.45
N LEU B 163 8.15 -10.69 -0.52
CA LEU B 163 8.50 -10.74 0.90
C LEU B 163 9.30 -12.00 1.22
N ALA B 164 8.80 -13.15 0.78
CA ALA B 164 9.44 -14.43 1.11
C ALA B 164 10.81 -14.53 0.46
N GLU B 165 10.93 -14.22 -0.84
CA GLU B 165 12.23 -14.31 -1.50
C GLU B 165 13.24 -13.40 -0.84
N THR B 166 12.81 -12.21 -0.45
CA THR B 166 13.77 -11.24 0.06
C THR B 166 14.27 -11.65 1.44
N LEU B 167 13.36 -12.16 2.29
CA LEU B 167 13.80 -12.58 3.62
C LEU B 167 14.57 -13.90 3.60
N ILE B 168 14.25 -14.78 2.67
CA ILE B 168 14.88 -16.11 2.69
C ILE B 168 16.19 -16.18 1.91
N ALA B 169 16.38 -15.32 0.92
CA ALA B 169 17.65 -15.30 0.18
C ALA B 169 18.84 -15.16 1.11
N GLY B 170 19.87 -16.00 0.87
CA GLY B 170 21.01 -16.07 1.76
C GLY B 170 20.78 -16.92 2.99
N LYS B 171 19.54 -17.34 3.23
CA LYS B 171 19.17 -18.17 4.37
C LYS B 171 18.31 -19.35 3.90
N GLU B 172 18.55 -19.83 2.68
CA GLU B 172 17.65 -20.82 2.08
C GLU B 172 17.74 -22.16 2.80
N ARG B 173 18.95 -22.59 3.15
CA ARG B 173 19.12 -23.84 3.88
C ARG B 173 18.53 -23.72 5.28
N PHE B 174 18.81 -22.61 5.98
CA PHE B 174 18.23 -22.39 7.29
C PHE B 174 16.71 -22.44 7.24
N PHE B 175 16.10 -21.73 6.29
CA PHE B 175 14.64 -21.70 6.28
C PHE B 175 14.05 -23.06 5.94
N LEU B 176 14.60 -23.74 4.94
CA LEU B 176 14.02 -25.01 4.52
C LEU B 176 14.11 -26.06 5.62
N GLU B 177 15.25 -26.09 6.33
CA GLU B 177 15.37 -27.01 7.46
C GLU B 177 14.30 -26.71 8.51
N HIS B 178 14.08 -25.43 8.84
CA HIS B 178 13.04 -25.12 9.81
C HIS B 178 11.67 -25.50 9.31
N PHE B 179 11.38 -25.19 8.05
CA PHE B 179 10.07 -25.52 7.48
C PHE B 179 9.83 -27.03 7.48
N ILE B 180 10.82 -27.80 7.05
CA ILE B 180 10.65 -29.25 7.01
C ILE B 180 10.46 -29.79 8.42
N LYS B 181 11.34 -29.39 9.35
CA LYS B 181 11.26 -29.98 10.68
C LYS B 181 10.02 -29.50 11.43
N SER B 182 9.54 -28.28 11.17
CA SER B 182 8.33 -27.82 11.84
C SER B 182 7.08 -28.52 11.33
N HIS B 183 7.16 -29.19 10.18
CA HIS B 183 6.03 -29.92 9.64
C HIS B 183 6.26 -31.43 9.68
N ALA B 184 7.28 -31.89 10.42
CA ALA B 184 7.62 -33.30 10.52
C ALA B 184 7.35 -33.85 11.91
N SER B 185 7.08 -35.15 11.96
CA SER B 185 7.16 -35.90 13.21
CA SER B 185 7.14 -35.92 13.19
C SER B 185 8.50 -36.58 13.35
N ASN B 186 9.03 -37.15 12.27
CA ASN B 186 10.31 -37.86 12.25
C ASN B 186 11.33 -36.98 11.53
N THR B 187 12.15 -36.27 12.31
CA THR B 187 13.14 -35.40 11.70
C THR B 187 14.42 -36.12 11.33
N GLU B 188 14.70 -37.28 11.95
CA GLU B 188 15.97 -37.96 11.74
C GLU B 188 16.14 -38.42 10.30
N VAL B 189 15.06 -38.58 9.54
CA VAL B 189 15.17 -39.02 8.15
C VAL B 189 15.76 -37.97 7.24
N PHE B 190 15.86 -36.72 7.71
CA PHE B 190 16.39 -35.62 6.89
C PHE B 190 17.85 -35.40 7.28
N SER B 191 18.72 -36.17 6.64
CA SER B 191 20.16 -36.02 6.83
C SER B 191 20.63 -34.66 6.35
N GLU B 192 21.83 -34.28 6.79
CA GLU B 192 22.44 -33.04 6.30
C GLU B 192 22.64 -33.09 4.79
N ARG B 193 23.01 -34.27 4.27
CA ARG B 193 23.17 -34.42 2.83
C ARG B 193 21.86 -34.16 2.10
N LEU B 194 20.76 -34.71 2.60
CA LEU B 194 19.46 -34.55 1.95
C LEU B 194 18.98 -33.11 2.02
N LEU B 195 19.13 -32.46 3.17
CA LEU B 195 18.72 -31.07 3.30
C LEU B 195 19.56 -30.17 2.38
N ASP B 196 20.86 -30.46 2.27
CA ASP B 196 21.72 -29.70 1.36
C ASP B 196 21.22 -29.80 -0.07
N LEU B 197 20.83 -31.01 -0.50
CA LEU B 197 20.37 -31.19 -1.87
C LEU B 197 19.09 -30.41 -2.13
N TYR B 198 18.11 -30.51 -1.23
CA TYR B 198 16.88 -29.76 -1.43
C TYR B 198 17.12 -28.25 -1.36
N ALA B 199 17.96 -27.80 -0.42
CA ALA B 199 18.20 -26.37 -0.29
C ALA B 199 18.90 -25.80 -1.51
N ARG B 200 19.90 -26.50 -2.04
CA ARG B 200 20.58 -26.01 -3.24
C ARG B 200 19.62 -25.88 -4.41
N SER B 201 18.65 -26.81 -4.53
CA SER B 201 17.74 -26.76 -5.66
C SER B 201 16.81 -25.56 -5.57
N TYR B 202 16.08 -25.44 -4.48
CA TYR B 202 15.11 -24.35 -4.45
C TYR B 202 15.76 -22.99 -4.22
N ALA B 203 17.06 -22.96 -3.92
CA ALA B 203 17.75 -21.67 -3.77
C ALA B 203 18.08 -21.02 -5.10
N LYS B 204 18.05 -21.75 -6.21
CA LYS B 204 18.18 -21.12 -7.51
C LYS B 204 17.17 -19.96 -7.61
N PRO B 205 17.59 -18.75 -7.98
CA PRO B 205 16.68 -17.60 -7.87
C PRO B 205 15.33 -17.80 -8.57
N HIS B 206 15.31 -18.40 -9.76
CA HIS B 206 14.01 -18.61 -10.40
C HIS B 206 13.20 -19.69 -9.69
N SER B 207 13.86 -20.63 -9.00
CA SER B 207 13.12 -21.66 -8.27
C SER B 207 12.61 -21.15 -6.93
N LEU B 208 13.37 -20.27 -6.29
CA LEU B 208 12.88 -19.66 -5.06
C LEU B 208 11.64 -18.83 -5.34
N ASN B 209 11.68 -18.03 -6.40
CA ASN B 209 10.49 -17.28 -6.80
C ASN B 209 9.36 -18.21 -7.21
N ALA B 210 9.65 -19.21 -8.05
CA ALA B 210 8.59 -20.10 -8.50
C ALA B 210 7.88 -20.75 -7.31
N SER B 211 8.65 -21.13 -6.28
CA SER B 211 8.08 -21.75 -5.08
C SER B 211 6.93 -20.92 -4.53
N PHE B 212 7.15 -19.61 -4.42
CA PHE B 212 6.13 -18.76 -3.80
C PHE B 212 5.07 -18.31 -4.79
N GLU B 213 5.35 -18.32 -6.10
CA GLU B 213 4.31 -17.94 -7.06
C GLU B 213 3.14 -18.92 -7.04
N TYR B 214 3.39 -20.18 -6.69
CA TYR B 214 2.28 -21.11 -6.51
C TYR B 214 1.32 -20.61 -5.44
N TYR B 215 1.86 -19.99 -4.40
CA TYR B 215 1.02 -19.47 -3.31
C TYR B 215 0.41 -18.14 -3.66
N ARG B 216 1.12 -17.32 -4.43
CA ARG B 216 0.52 -16.08 -4.89
C ARG B 216 -0.64 -16.33 -5.84
N ALA B 217 -0.73 -17.54 -6.42
CA ALA B 217 -1.86 -17.92 -7.26
C ALA B 217 -2.94 -18.71 -6.50
N LEU B 218 -2.79 -18.88 -5.19
CA LEU B 218 -3.67 -19.81 -4.47
C LEU B 218 -5.12 -19.35 -4.46
N ASN B 219 -5.37 -18.04 -4.24
CA ASN B 219 -6.76 -17.58 -4.25
C ASN B 219 -7.36 -17.71 -5.64
N GLU B 220 -6.55 -17.48 -6.68
CA GLU B 220 -7.04 -17.69 -8.03
C GLU B 220 -7.40 -19.16 -8.24
N SER B 221 -6.59 -20.07 -7.69
CA SER B 221 -6.89 -21.49 -7.83
C SER B 221 -8.17 -21.86 -7.08
N VAL B 222 -8.37 -21.29 -5.88
CA VAL B 222 -9.61 -21.48 -5.16
C VAL B 222 -10.80 -21.06 -6.03
N ARG B 223 -10.69 -19.90 -6.67
CA ARG B 223 -11.80 -19.44 -7.47
C ARG B 223 -12.02 -20.33 -8.69
N GLN B 224 -10.94 -20.78 -9.32
CA GLN B 224 -11.08 -21.73 -10.43
C GLN B 224 -11.78 -23.00 -9.97
N ASN B 225 -11.36 -23.54 -8.84
CA ASN B 225 -11.89 -24.81 -8.37
C ASN B 225 -13.35 -24.70 -7.95
N ALA B 226 -13.80 -23.51 -7.55
CA ALA B 226 -15.21 -23.35 -7.23
C ALA B 226 -16.11 -23.71 -8.41
N GLU B 227 -15.65 -23.45 -9.63
CA GLU B 227 -16.39 -23.87 -10.82
C GLU B 227 -16.15 -25.32 -11.15
N LEU B 228 -14.88 -25.75 -11.11
CA LEU B 228 -14.54 -27.12 -11.50
C LEU B 228 -15.25 -28.15 -10.62
N ALA B 229 -15.38 -27.85 -9.33
CA ALA B 229 -15.85 -28.85 -8.36
C ALA B 229 -17.33 -29.18 -8.51
N LYS B 230 -18.06 -28.51 -9.41
CA LYS B 230 -19.43 -28.90 -9.67
C LYS B 230 -19.52 -30.29 -10.30
N THR B 231 -18.42 -30.80 -10.83
CA THR B 231 -18.33 -32.16 -11.35
C THR B 231 -17.55 -33.01 -10.38
N ARG B 232 -18.18 -34.05 -9.84
CA ARG B 232 -17.49 -34.94 -8.91
C ARG B 232 -16.52 -35.85 -9.64
N LEU B 233 -15.49 -36.29 -8.92
CA LEU B 233 -14.55 -37.27 -9.46
C LEU B 233 -15.13 -38.67 -9.34
N GLN B 234 -14.98 -39.46 -10.41
CA GLN B 234 -15.58 -40.78 -10.52
C GLN B 234 -14.59 -41.93 -10.42
N MET B 235 -13.29 -41.67 -10.52
CA MET B 235 -12.33 -42.77 -10.50
C MET B 235 -12.01 -43.21 -9.07
N PRO B 236 -11.49 -44.43 -8.88
CA PRO B 236 -11.05 -44.84 -7.54
C PRO B 236 -9.99 -43.89 -7.01
N THR B 237 -10.18 -43.43 -5.77
CA THR B 237 -9.33 -42.44 -5.13
CA THR B 237 -9.27 -42.48 -5.15
C THR B 237 -8.89 -42.94 -3.76
N MET B 238 -7.66 -42.64 -3.36
CA MET B 238 -7.16 -42.90 -2.03
C MET B 238 -6.50 -41.63 -1.50
N THR B 239 -6.80 -41.28 -0.26
CA THR B 239 -6.07 -40.19 0.40
C THR B 239 -5.16 -40.77 1.49
N LEU B 240 -4.01 -40.12 1.69
CA LEU B 240 -3.10 -40.43 2.78
C LEU B 240 -2.77 -39.16 3.53
N ALA B 241 -2.64 -39.28 4.85
CA ALA B 241 -2.31 -38.13 5.68
C ALA B 241 -1.56 -38.63 6.90
N GLY B 242 -0.68 -37.77 7.43
CA GLY B 242 -0.01 -38.11 8.67
C GLY B 242 -0.91 -37.83 9.87
N GLY B 243 -0.75 -38.66 10.91
CA GLY B 243 -1.47 -38.46 12.16
C GLY B 243 -0.66 -37.75 13.22
N GLY B 244 0.62 -37.53 12.96
CA GLY B 244 1.51 -36.90 13.92
C GLY B 244 1.67 -35.40 13.67
N HIS B 245 2.63 -34.81 14.39
CA HIS B 245 2.92 -33.40 14.21
C HIS B 245 3.21 -33.09 12.75
N GLY B 246 2.53 -32.07 12.21
CA GLY B 246 2.64 -31.71 10.81
C GLY B 246 1.63 -32.37 9.90
N GLY B 247 0.90 -33.37 10.38
CA GLY B 247 -0.03 -34.09 9.54
C GLY B 247 -1.39 -33.41 9.44
N MET B 248 -2.08 -33.69 8.34
CA MET B 248 -3.44 -33.18 8.12
C MET B 248 -4.51 -33.97 8.89
N GLY B 249 -4.19 -35.15 9.42
CA GLY B 249 -5.20 -35.87 10.16
C GLY B 249 -6.38 -36.26 9.29
N THR B 250 -7.57 -36.25 9.90
CA THR B 250 -8.80 -36.65 9.21
C THR B 250 -9.22 -35.65 8.14
N PHE B 251 -8.61 -34.46 8.08
CA PHE B 251 -9.05 -33.45 7.12
C PHE B 251 -8.95 -33.96 5.68
N GLN B 252 -7.85 -34.67 5.36
CA GLN B 252 -7.60 -35.05 3.97
C GLN B 252 -8.74 -35.90 3.42
N LEU B 253 -9.12 -36.96 4.13
CA LEU B 253 -10.21 -37.80 3.66
C LEU B 253 -11.54 -37.07 3.72
N GLU B 254 -11.78 -36.32 4.80
CA GLU B 254 -13.09 -35.67 4.93
C GLU B 254 -13.30 -34.64 3.82
N GLN B 255 -12.25 -33.92 3.42
CA GLN B 255 -12.40 -33.03 2.26
C GLN B 255 -12.64 -33.83 0.99
N MET B 256 -11.86 -34.89 0.77
CA MET B 256 -11.98 -35.65 -0.47
C MET B 256 -13.37 -36.26 -0.61
N LYS B 257 -14.02 -36.60 0.50
CA LYS B 257 -15.38 -37.12 0.41
C LYS B 257 -16.33 -36.15 -0.29
N ALA B 258 -16.07 -34.85 -0.21
CA ALA B 258 -16.89 -33.88 -0.93
C ALA B 258 -16.62 -33.85 -2.42
N TYR B 259 -15.45 -34.32 -2.85
CA TYR B 259 -15.03 -34.29 -4.24
C TYR B 259 -15.19 -35.61 -4.98
N ALA B 260 -15.16 -36.74 -4.29
CA ALA B 260 -14.98 -38.05 -4.92
C ALA B 260 -16.02 -39.04 -4.44
N GLU B 261 -16.59 -39.77 -5.39
CA GLU B 261 -17.59 -40.80 -5.10
C GLU B 261 -16.99 -42.05 -4.47
N ASP B 262 -15.81 -42.44 -4.94
CA ASP B 262 -15.18 -43.72 -4.61
C ASP B 262 -13.84 -43.37 -3.97
N VAL B 263 -13.81 -43.26 -2.65
CA VAL B 263 -12.62 -42.79 -1.96
C VAL B 263 -12.40 -43.60 -0.70
N GLU B 264 -11.16 -43.97 -0.46
CA GLU B 264 -10.71 -44.59 0.78
C GLU B 264 -9.59 -43.74 1.33
N GLY B 265 -9.43 -43.75 2.64
CA GLY B 265 -8.43 -42.90 3.26
C GLY B 265 -7.71 -43.62 4.38
N HIS B 266 -6.47 -43.21 4.61
CA HIS B 266 -5.69 -43.70 5.74
C HIS B 266 -4.99 -42.53 6.41
N VAL B 267 -4.93 -42.59 7.74
CA VAL B 267 -4.13 -41.69 8.54
C VAL B 267 -3.01 -42.51 9.15
N LEU B 268 -1.76 -42.04 8.99
CA LEU B 268 -0.60 -42.79 9.44
C LEU B 268 -0.15 -42.25 10.79
N PRO B 269 -0.35 -42.96 11.88
CA PRO B 269 0.13 -42.46 13.17
C PRO B 269 1.64 -42.39 13.18
N GLY B 270 2.17 -41.39 13.89
CA GLY B 270 3.61 -41.25 14.00
C GLY B 270 4.29 -40.62 12.82
N CYS B 271 3.51 -40.11 11.85
CA CYS B 271 4.03 -39.48 10.64
C CYS B 271 3.48 -38.08 10.50
N GLY B 272 4.33 -37.15 10.05
CA GLY B 272 3.86 -35.81 9.79
C GLY B 272 3.58 -35.53 8.33
N HIS B 273 4.13 -34.43 7.81
CA HIS B 273 3.79 -34.00 6.46
C HIS B 273 4.56 -34.76 5.38
N TRP B 274 5.80 -35.14 5.65
CA TRP B 274 6.71 -35.58 4.58
C TRP B 274 6.65 -37.10 4.41
N LEU B 275 5.45 -37.59 4.10
CA LEU B 275 5.18 -39.03 4.14
C LEU B 275 6.15 -39.88 3.34
N PRO B 276 6.54 -39.53 2.11
CA PRO B 276 7.47 -40.42 1.38
C PRO B 276 8.81 -40.57 2.05
N GLU B 277 9.20 -39.63 2.89
CA GLU B 277 10.46 -39.71 3.63
C GLU B 277 10.27 -40.12 5.08
N GLU B 278 9.27 -39.57 5.77
CA GLU B 278 9.08 -39.89 7.17
C GLU B 278 8.56 -41.30 7.37
N CYS B 279 7.72 -41.77 6.46
CA CYS B 279 7.02 -43.02 6.62
C CYS B 279 7.01 -43.73 5.27
N ALA B 280 8.22 -43.92 4.74
CA ALA B 280 8.41 -44.43 3.38
C ALA B 280 7.80 -45.82 3.22
N ALA B 281 8.11 -46.75 4.14
CA ALA B 281 7.69 -48.14 3.91
C ALA B 281 6.17 -48.31 3.93
N PRO B 282 5.44 -47.82 4.94
CA PRO B 282 3.98 -47.99 4.87
C PRO B 282 3.31 -47.13 3.82
N MET B 283 3.82 -45.92 3.58
CA MET B 283 3.25 -45.14 2.48
C MET B 283 3.41 -45.87 1.15
N ASN B 284 4.63 -46.38 0.90
CA ASN B 284 4.87 -47.11 -0.35
C ASN B 284 3.94 -48.30 -0.48
N ARG B 285 3.77 -49.06 0.60
CA ARG B 285 2.91 -50.24 0.55
C ARG B 285 1.47 -49.87 0.21
N LEU B 286 0.94 -48.82 0.86
CA LEU B 286 -0.45 -48.45 0.61
C LEU B 286 -0.65 -47.98 -0.82
N VAL B 287 0.29 -47.18 -1.34
CA VAL B 287 0.19 -46.71 -2.73
C VAL B 287 0.27 -47.89 -3.69
N ILE B 288 1.28 -48.75 -3.51
CA ILE B 288 1.46 -49.87 -4.43
C ILE B 288 0.24 -50.77 -4.44
N ASP B 289 -0.27 -51.11 -3.24
CA ASP B 289 -1.43 -51.99 -3.19
C ASP B 289 -2.65 -51.34 -3.82
N PHE B 290 -2.90 -50.07 -3.51
CA PHE B 290 -4.06 -49.40 -4.09
C PHE B 290 -3.97 -49.34 -5.61
N LEU B 291 -2.80 -48.99 -6.15
CA LEU B 291 -2.66 -48.92 -7.61
C LEU B 291 -2.64 -50.31 -8.25
N SER B 292 -2.20 -51.34 -7.53
CA SER B 292 -2.09 -52.66 -8.13
C SER B 292 -3.40 -53.43 -8.12
N ARG B 293 -4.46 -52.87 -7.51
CA ARG B 293 -5.77 -53.45 -7.72
C ARG B 293 -6.24 -53.26 -9.16
N GLY B 294 -5.80 -52.18 -9.81
CA GLY B 294 -6.04 -51.99 -11.23
C GLY B 294 -5.06 -52.76 -12.09
N ARG B 295 -5.25 -52.63 -13.40
CA ARG B 295 -4.41 -53.35 -14.37
C ARG B 295 -3.00 -52.78 -14.38
N HIS B 296 -2.01 -53.67 -14.28
CA HIS B 296 -0.61 -53.27 -14.29
C HIS B 296 0.18 -54.30 -15.08
N HIS B 297 1.48 -54.39 -14.79
CA HIS B 297 2.39 -55.27 -15.52
C HIS B 297 2.90 -56.38 -14.61
N ALA C 1 4.54 -12.86 -30.59
CA ALA C 1 5.02 -12.20 -29.37
C ALA C 1 3.86 -11.55 -28.62
N GLU C 2 3.60 -12.02 -27.40
CA GLU C 2 2.49 -11.54 -26.60
C GLU C 2 2.99 -10.89 -25.32
N GLU C 3 2.43 -9.73 -24.99
CA GLU C 3 2.81 -9.03 -23.78
C GLU C 3 2.26 -9.71 -22.53
N PHE C 4 1.13 -10.42 -22.64
CA PHE C 4 0.46 -11.06 -21.52
C PHE C 4 -0.05 -12.43 -21.94
N PRO C 5 -0.13 -13.38 -21.00
CA PRO C 5 -0.58 -14.74 -21.33
C PRO C 5 -2.07 -14.79 -21.65
N VAL C 6 -2.38 -15.39 -22.80
CA VAL C 6 -3.77 -15.55 -23.24
C VAL C 6 -4.39 -16.73 -22.50
N PRO C 7 -5.60 -16.61 -21.96
CA PRO C 7 -6.20 -17.75 -21.27
C PRO C 7 -6.47 -18.88 -22.23
N ASN C 8 -6.50 -20.10 -21.69
CA ASN C 8 -6.74 -21.27 -22.51
C ASN C 8 -8.07 -21.12 -23.24
N GLY C 9 -8.04 -21.45 -24.53
CA GLY C 9 -9.24 -21.34 -25.36
C GLY C 9 -9.49 -19.97 -25.95
N PHE C 10 -8.62 -19.00 -25.70
CA PHE C 10 -8.75 -17.68 -26.29
C PHE C 10 -7.67 -17.47 -27.32
N GLU C 11 -7.89 -16.52 -28.22
CA GLU C 11 -6.91 -16.18 -29.24
C GLU C 11 -6.57 -14.71 -29.16
N SER C 12 -5.31 -14.40 -29.37
CA SER C 12 -4.84 -13.04 -29.54
C SER C 12 -4.85 -12.73 -31.05
N ALA C 13 -5.47 -11.61 -31.42
CA ALA C 13 -5.61 -11.29 -32.83
C ALA C 13 -5.62 -9.77 -33.01
N TYR C 14 -5.67 -9.32 -34.26
CA TYR C 14 -5.68 -7.91 -34.58
C TYR C 14 -6.77 -7.61 -35.60
N ARG C 15 -7.33 -6.41 -35.51
CA ARG C 15 -8.27 -5.99 -36.54
C ARG C 15 -8.02 -4.54 -36.90
N GLU C 16 -7.83 -4.27 -38.19
CA GLU C 16 -7.65 -2.92 -38.68
C GLU C 16 -9.00 -2.21 -38.72
N VAL C 17 -9.11 -1.08 -38.04
CA VAL C 17 -10.35 -0.31 -37.95
C VAL C 17 -10.02 1.15 -38.28
N ASP C 18 -10.56 1.65 -39.38
CA ASP C 18 -10.29 3.03 -39.81
C ASP C 18 -8.80 3.32 -39.83
N GLY C 19 -8.03 2.37 -40.37
CA GLY C 19 -6.60 2.52 -40.51
C GLY C 19 -5.77 2.29 -39.26
N VAL C 20 -6.39 1.90 -38.15
CA VAL C 20 -5.69 1.66 -36.90
C VAL C 20 -5.78 0.17 -36.57
N LYS C 21 -4.63 -0.47 -36.39
CA LYS C 21 -4.59 -1.88 -36.03
C LYS C 21 -4.84 -2.04 -34.54
N LEU C 22 -5.98 -2.59 -34.17
CA LEU C 22 -6.33 -2.83 -32.77
C LEU C 22 -6.03 -4.27 -32.39
N HIS C 23 -5.39 -4.46 -31.24
CA HIS C 23 -5.17 -5.79 -30.69
C HIS C 23 -6.36 -6.15 -29.81
N TYR C 24 -6.74 -7.43 -29.83
CA TYR C 24 -7.77 -7.88 -28.90
C TYR C 24 -7.54 -9.36 -28.58
N VAL C 25 -8.21 -9.82 -27.52
CA VAL C 25 -8.23 -11.22 -27.13
C VAL C 25 -9.69 -11.66 -27.12
N LYS C 26 -9.96 -12.84 -27.70
CA LYS C 26 -11.33 -13.22 -27.95
C LYS C 26 -11.52 -14.70 -27.66
N GLY C 27 -12.66 -15.04 -27.07
CA GLY C 27 -13.00 -16.44 -26.86
C GLY C 27 -14.48 -16.59 -26.59
N GLY C 28 -14.91 -17.84 -26.55
CA GLY C 28 -16.30 -18.12 -26.20
C GLY C 28 -17.24 -18.09 -27.38
N GLN C 29 -18.51 -18.30 -27.06
CA GLN C 29 -19.59 -18.45 -28.02
C GLN C 29 -20.84 -17.78 -27.47
N GLY C 30 -21.67 -17.26 -28.37
CA GLY C 30 -22.92 -16.62 -27.97
C GLY C 30 -22.87 -15.12 -28.20
N PRO C 31 -23.82 -14.40 -27.60
CA PRO C 31 -23.86 -12.95 -27.81
C PRO C 31 -22.59 -12.29 -27.29
N LEU C 32 -22.25 -11.16 -27.89
CA LEU C 32 -20.96 -10.54 -27.67
C LEU C 32 -20.95 -9.64 -26.44
N VAL C 33 -19.88 -9.75 -25.65
CA VAL C 33 -19.57 -8.80 -24.59
CA VAL C 33 -19.57 -8.80 -24.58
C VAL C 33 -18.19 -8.24 -24.85
N MET C 34 -18.07 -6.92 -24.85
CA MET C 34 -16.78 -6.26 -25.01
C MET C 34 -16.37 -5.67 -23.67
N LEU C 35 -15.13 -5.96 -23.26
CA LEU C 35 -14.57 -5.50 -21.99
C LEU C 35 -13.46 -4.52 -22.30
N VAL C 36 -13.54 -3.29 -21.75
CA VAL C 36 -12.61 -2.23 -22.12
C VAL C 36 -11.83 -1.76 -20.89
N HIS C 37 -10.51 -1.94 -20.93
CA HIS C 37 -9.62 -1.68 -19.79
C HIS C 37 -9.38 -0.18 -19.62
N GLY C 38 -8.64 0.16 -18.56
CA GLY C 38 -8.32 1.55 -18.27
C GLY C 38 -6.83 1.86 -18.18
N PHE C 39 -6.51 3.01 -17.57
CA PHE C 39 -5.13 3.49 -17.54
C PHE C 39 -4.25 2.58 -16.71
N GLY C 40 -3.00 2.41 -17.16
CA GLY C 40 -2.02 1.59 -16.46
C GLY C 40 -2.11 0.11 -16.78
N GLN C 41 -3.11 -0.31 -17.55
CA GLN C 41 -3.36 -1.73 -17.76
C GLN C 41 -3.67 -1.96 -19.23
N THR C 42 -4.11 -3.17 -19.53
CA THR C 42 -4.39 -3.63 -20.89
C THR C 42 -5.59 -4.55 -20.80
N TRP C 43 -5.85 -5.28 -21.89
CA TRP C 43 -6.89 -6.31 -21.87
C TRP C 43 -6.70 -7.29 -20.72
N TYR C 44 -5.47 -7.48 -20.26
CA TYR C 44 -5.16 -8.51 -19.29
C TYR C 44 -5.85 -8.31 -17.95
N GLU C 45 -6.27 -7.08 -17.61
CA GLU C 45 -6.97 -6.91 -16.34
C GLU C 45 -8.23 -7.78 -16.27
N TRP C 46 -8.77 -8.16 -17.43
CA TRP C 46 -9.99 -8.95 -17.54
C TRP C 46 -9.74 -10.45 -17.57
N HIS C 47 -8.49 -10.91 -17.43
CA HIS C 47 -8.19 -12.29 -17.81
C HIS C 47 -8.79 -13.32 -16.87
N GLN C 48 -9.15 -12.94 -15.65
CA GLN C 48 -9.84 -13.89 -14.78
C GLN C 48 -11.35 -13.91 -15.01
N LEU C 49 -11.92 -12.79 -15.42
CA LEU C 49 -13.35 -12.72 -15.72
C LEU C 49 -13.66 -13.36 -17.08
N MET C 50 -12.75 -13.28 -18.05
CA MET C 50 -13.05 -13.73 -19.41
C MET C 50 -13.44 -15.19 -19.51
N PRO C 51 -12.73 -16.15 -18.89
CA PRO C 51 -13.16 -17.56 -19.04
C PRO C 51 -14.54 -17.83 -18.49
N GLU C 52 -14.93 -17.15 -17.41
CA GLU C 52 -16.25 -17.36 -16.83
C GLU C 52 -17.34 -16.81 -17.75
N LEU C 53 -17.16 -15.59 -18.26
CA LEU C 53 -18.10 -15.04 -19.22
C LEU C 53 -18.18 -15.87 -20.50
N ALA C 54 -17.04 -16.42 -20.93
CA ALA C 54 -17.01 -17.16 -22.19
C ALA C 54 -17.85 -18.42 -22.16
N LYS C 55 -18.25 -18.89 -20.97
CA LYS C 55 -19.15 -20.04 -20.91
C LYS C 55 -20.53 -19.70 -21.45
N ARG C 56 -20.89 -18.41 -21.52
CA ARG C 56 -22.20 -18.00 -22.00
C ARG C 56 -22.15 -16.92 -23.08
N PHE C 57 -21.00 -16.30 -23.34
CA PHE C 57 -20.91 -15.17 -24.24
C PHE C 57 -19.71 -15.34 -25.15
N THR C 58 -19.75 -14.66 -26.29
CA THR C 58 -18.52 -14.36 -27.03
C THR C 58 -17.90 -13.13 -26.36
N VAL C 59 -16.63 -13.24 -25.96
CA VAL C 59 -15.98 -12.19 -25.19
C VAL C 59 -14.83 -11.62 -26.01
N ILE C 60 -14.77 -10.31 -26.12
CA ILE C 60 -13.64 -9.64 -26.76
CA ILE C 60 -13.64 -9.64 -26.76
C ILE C 60 -13.11 -8.57 -25.82
N ALA C 61 -11.80 -8.52 -25.67
CA ALA C 61 -11.15 -7.54 -24.80
C ALA C 61 -10.05 -6.86 -25.61
N PRO C 62 -10.30 -5.67 -26.14
CA PRO C 62 -9.28 -4.98 -26.92
C PRO C 62 -8.31 -4.20 -26.03
N ASP C 63 -7.14 -3.91 -26.60
CA ASP C 63 -6.27 -2.88 -26.04
C ASP C 63 -6.71 -1.52 -26.60
N LEU C 64 -6.84 -0.52 -25.73
CA LEU C 64 -7.15 0.83 -26.18
C LEU C 64 -6.09 1.34 -27.16
N PRO C 65 -6.48 2.18 -28.12
CA PRO C 65 -5.49 2.70 -29.09
C PRO C 65 -4.26 3.28 -28.41
N GLY C 66 -3.09 2.85 -28.88
CA GLY C 66 -1.81 3.27 -28.36
C GLY C 66 -1.31 2.47 -27.17
N LEU C 67 -2.19 1.77 -26.46
CA LEU C 67 -1.85 1.00 -25.28
C LEU C 67 -1.84 -0.49 -25.62
N GLY C 68 -1.18 -1.27 -24.75
CA GLY C 68 -1.03 -2.69 -25.04
C GLY C 68 -0.40 -2.88 -26.41
N GLN C 69 -1.01 -3.73 -27.25
CA GLN C 69 -0.49 -4.00 -28.58
C GLN C 69 -1.30 -3.32 -29.68
N SER C 70 -2.08 -2.30 -29.34
CA SER C 70 -2.87 -1.54 -30.30
C SER C 70 -2.13 -0.30 -30.79
N GLU C 71 -2.25 -0.01 -32.08
CA GLU C 71 -1.68 1.20 -32.66
C GLU C 71 -2.38 2.45 -32.14
N PRO C 72 -1.68 3.58 -32.08
CA PRO C 72 -2.32 4.83 -31.64
C PRO C 72 -3.41 5.25 -32.59
N PRO C 73 -4.36 6.07 -32.12
CA PRO C 73 -5.43 6.52 -33.00
C PRO C 73 -4.89 7.47 -34.04
N LYS C 74 -5.54 7.49 -35.19
CA LYS C 74 -5.16 8.42 -36.24
C LYS C 74 -5.95 9.72 -36.18
N THR C 75 -7.12 9.72 -35.54
CA THR C 75 -7.94 10.93 -35.39
C THR C 75 -7.51 11.71 -34.16
N GLY C 76 -7.75 11.14 -32.98
CA GLY C 76 -7.39 11.79 -31.75
C GLY C 76 -7.77 10.95 -30.57
N TYR C 77 -7.55 11.49 -29.37
CA TYR C 77 -7.74 10.75 -28.13
C TYR C 77 -8.94 11.19 -27.32
N SER C 78 -9.75 12.13 -27.81
CA SER C 78 -10.97 12.48 -27.10
C SER C 78 -11.95 11.29 -27.11
N GLY C 79 -12.88 11.31 -26.16
CA GLY C 79 -13.78 10.17 -26.01
C GLY C 79 -14.56 9.86 -27.27
N GLU C 80 -15.07 10.89 -27.94
CA GLU C 80 -15.88 10.67 -29.14
C GLU C 80 -15.05 10.08 -30.27
N GLN C 81 -13.77 10.48 -30.37
CA GLN C 81 -12.90 9.96 -31.43
C GLN C 81 -12.57 8.49 -31.17
N VAL C 82 -12.13 8.18 -29.95
CA VAL C 82 -11.73 6.81 -29.64
C VAL C 82 -12.93 5.87 -29.69
N ALA C 83 -14.10 6.35 -29.26
CA ALA C 83 -15.28 5.47 -29.23
C ALA C 83 -15.66 4.98 -30.61
N VAL C 84 -15.38 5.75 -31.66
CA VAL C 84 -15.64 5.26 -33.02
C VAL C 84 -14.90 3.96 -33.27
N TYR C 85 -13.65 3.89 -32.84
CA TYR C 85 -12.85 2.70 -33.08
C TYR C 85 -13.43 1.50 -32.37
N LEU C 86 -13.85 1.68 -31.11
CA LEU C 86 -14.33 0.55 -30.33
C LEU C 86 -15.72 0.12 -30.80
N HIS C 87 -16.57 1.06 -31.22
CA HIS C 87 -17.89 0.69 -31.73
C HIS C 87 -17.75 -0.12 -33.02
N LYS C 88 -16.93 0.35 -33.95
CA LYS C 88 -16.74 -0.38 -35.20
C LYS C 88 -16.12 -1.75 -34.96
N LEU C 89 -15.17 -1.85 -34.02
CA LEU C 89 -14.60 -3.15 -33.70
C LEU C 89 -15.68 -4.12 -33.21
N ALA C 90 -16.47 -3.69 -32.22
CA ALA C 90 -17.53 -4.56 -31.72
C ALA C 90 -18.50 -4.94 -32.83
N ARG C 91 -18.85 -3.98 -33.70
CA ARG C 91 -19.85 -4.28 -34.72
C ARG C 91 -19.32 -5.21 -35.81
N GLN C 92 -17.99 -5.32 -35.97
CA GLN C 92 -17.46 -6.33 -36.88
C GLN C 92 -17.79 -7.73 -36.39
N PHE C 93 -17.79 -7.92 -35.07
CA PHE C 93 -18.07 -9.24 -34.49
C PHE C 93 -19.54 -9.42 -34.15
N SER C 94 -20.32 -8.35 -34.08
CA SER C 94 -21.75 -8.41 -33.79
C SER C 94 -22.50 -7.42 -34.68
N PRO C 95 -22.54 -7.68 -35.99
CA PRO C 95 -23.13 -6.68 -36.90
C PRO C 95 -24.65 -6.63 -36.89
N ASP C 96 -25.32 -7.68 -36.42
CA ASP C 96 -26.76 -7.81 -36.57
C ASP C 96 -27.48 -7.91 -35.22
N ARG C 97 -26.77 -7.74 -34.11
CA ARG C 97 -27.40 -7.86 -32.80
C ARG C 97 -26.68 -6.92 -31.85
N PRO C 98 -27.37 -6.42 -30.83
CA PRO C 98 -26.69 -5.58 -29.84
C PRO C 98 -25.73 -6.41 -29.02
N PHE C 99 -24.71 -5.74 -28.50
CA PHE C 99 -23.68 -6.38 -27.67
C PHE C 99 -23.68 -5.74 -26.28
N ASP C 100 -23.05 -6.42 -25.32
CA ASP C 100 -22.88 -5.87 -23.97
C ASP C 100 -21.54 -5.16 -23.85
N LEU C 101 -21.45 -4.25 -22.89
CA LEU C 101 -20.23 -3.47 -22.71
C LEU C 101 -19.88 -3.40 -21.23
N VAL C 102 -18.62 -3.71 -20.92
CA VAL C 102 -18.07 -3.54 -19.58
C VAL C 102 -16.85 -2.65 -19.72
N ALA C 103 -16.77 -1.59 -18.91
CA ALA C 103 -15.63 -0.70 -19.03
C ALA C 103 -15.17 -0.20 -17.66
N HIS C 104 -13.85 -0.02 -17.54
CA HIS C 104 -13.17 0.37 -16.31
C HIS C 104 -12.35 1.61 -16.56
N ASP C 105 -12.46 2.61 -15.67
CA ASP C 105 -11.55 3.77 -15.66
C ASP C 105 -11.69 4.50 -17.00
N ILE C 106 -10.61 4.83 -17.71
CA ILE C 106 -10.77 5.58 -18.95
C ILE C 106 -11.44 4.75 -20.05
N GLY C 107 -11.65 3.46 -19.82
CA GLY C 107 -12.53 2.72 -20.71
C GLY C 107 -13.92 3.34 -20.77
N ILE C 108 -14.35 3.97 -19.68
CA ILE C 108 -15.63 4.68 -19.66
C ILE C 108 -15.58 5.88 -20.58
N TRP C 109 -14.50 6.67 -20.47
CA TRP C 109 -14.36 7.87 -21.29
C TRP C 109 -14.42 7.53 -22.77
N ASN C 110 -13.82 6.40 -23.14
CA ASN C 110 -13.65 6.00 -24.52
C ASN C 110 -14.81 5.18 -25.05
N THR C 111 -15.85 4.95 -24.25
CA THR C 111 -17.02 4.25 -24.74
C THR C 111 -18.31 5.03 -24.58
N TYR C 112 -18.40 5.95 -23.62
CA TYR C 112 -19.68 6.63 -23.40
C TYR C 112 -20.23 7.28 -24.67
N PRO C 113 -19.46 8.03 -25.47
CA PRO C 113 -20.06 8.63 -26.68
C PRO C 113 -20.68 7.62 -27.63
N MET C 114 -20.06 6.44 -27.81
CA MET C 114 -20.66 5.52 -28.76
C MET C 114 -21.89 4.83 -28.17
N VAL C 115 -21.96 4.72 -26.85
CA VAL C 115 -23.17 4.20 -26.22
C VAL C 115 -24.34 5.16 -26.45
N VAL C 116 -24.13 6.45 -26.19
CA VAL C 116 -25.24 7.40 -26.26
C VAL C 116 -25.63 7.66 -27.71
N LYS C 117 -24.69 7.55 -28.65
CA LYS C 117 -25.02 7.77 -30.05
C LYS C 117 -25.54 6.53 -30.76
N ASN C 118 -25.43 5.35 -30.15
CA ASN C 118 -25.83 4.10 -30.80
C ASN C 118 -26.55 3.21 -29.77
N GLN C 119 -27.57 3.75 -29.12
CA GLN C 119 -28.16 3.04 -27.97
C GLN C 119 -28.73 1.68 -28.36
N ALA C 120 -29.25 1.54 -29.58
CA ALA C 120 -29.83 0.27 -30.00
C ALA C 120 -28.79 -0.83 -30.14
N ASP C 121 -27.52 -0.46 -30.26
CA ASP C 121 -26.43 -1.44 -30.38
C ASP C 121 -25.96 -1.98 -29.03
N ILE C 122 -26.38 -1.38 -27.91
CA ILE C 122 -25.87 -1.72 -26.58
C ILE C 122 -26.98 -2.40 -25.80
N ALA C 123 -26.82 -3.70 -25.52
CA ALA C 123 -27.86 -4.43 -24.79
C ALA C 123 -27.83 -4.08 -23.30
N ARG C 124 -26.66 -4.21 -22.67
CA ARG C 124 -26.47 -3.96 -21.25
C ARG C 124 -25.11 -3.33 -21.05
N LEU C 125 -24.99 -2.51 -20.01
CA LEU C 125 -23.81 -1.68 -19.81
C LEU C 125 -23.36 -1.79 -18.36
N VAL C 126 -22.05 -1.98 -18.15
CA VAL C 126 -21.44 -2.00 -16.82
C VAL C 126 -20.26 -1.04 -16.82
N TYR C 127 -20.31 -0.04 -15.94
CA TYR C 127 -19.24 0.94 -15.81
C TYR C 127 -18.65 0.86 -14.40
N MET C 128 -17.33 0.93 -14.29
CA MET C 128 -16.72 0.88 -12.96
C MET C 128 -15.54 1.84 -12.83
N GLN C 129 -15.51 2.56 -11.71
CA GLN C 129 -14.31 3.25 -11.23
C GLN C 129 -13.76 4.29 -12.19
N ALA C 130 -14.61 5.24 -12.60
CA ALA C 130 -14.14 6.53 -13.11
C ALA C 130 -15.33 7.42 -13.38
N PRO C 131 -15.19 8.74 -13.27
CA PRO C 131 -16.27 9.62 -13.70
C PRO C 131 -16.41 9.62 -15.21
N ILE C 132 -17.65 9.63 -15.66
CA ILE C 132 -17.92 10.07 -17.04
C ILE C 132 -17.43 11.51 -17.16
N PRO C 133 -16.67 11.87 -18.20
CA PRO C 133 -16.15 13.23 -18.25
C PRO C 133 -17.27 14.26 -18.33
N ASP C 134 -17.41 15.07 -17.29
CA ASP C 134 -18.34 16.20 -17.27
C ASP C 134 -17.85 17.18 -16.21
N ALA C 135 -18.66 18.21 -15.96
CA ALA C 135 -18.21 19.30 -15.09
C ALA C 135 -17.99 18.87 -13.65
N ARG C 136 -18.46 17.67 -13.26
CA ARG C 136 -18.20 17.17 -11.92
C ARG C 136 -16.71 16.94 -11.66
N ILE C 137 -15.94 16.66 -12.71
CA ILE C 137 -14.52 16.38 -12.50
C ILE C 137 -13.78 17.62 -12.00
N TYR C 138 -14.33 18.82 -12.20
CA TYR C 138 -13.69 20.02 -11.69
C TYR C 138 -13.99 20.26 -10.22
N ARG C 139 -14.80 19.42 -9.59
CA ARG C 139 -15.13 19.59 -8.18
C ARG C 139 -14.31 18.68 -7.26
N PHE C 140 -13.50 17.80 -7.81
CA PHE C 140 -12.65 16.95 -6.97
C PHE C 140 -11.52 17.78 -6.37
N PRO C 141 -11.11 17.49 -5.14
CA PRO C 141 -10.07 18.31 -4.49
C PRO C 141 -8.67 17.94 -4.96
N ALA C 142 -7.79 18.96 -4.93
CA ALA C 142 -6.38 18.73 -5.24
C ALA C 142 -5.66 18.00 -4.11
N PHE C 143 -6.11 18.16 -2.87
CA PHE C 143 -5.38 17.70 -1.70
C PHE C 143 -6.38 17.40 -0.60
N THR C 144 -6.20 16.28 0.11
CA THR C 144 -7.15 15.86 1.12
C THR C 144 -6.52 15.79 2.51
N ALA C 145 -7.37 15.80 3.53
N ALA C 145 -7.40 15.88 3.51
CA ALA C 145 -6.91 15.71 4.91
CA ALA C 145 -6.95 15.87 4.91
C ALA C 145 -6.16 14.40 5.19
C ALA C 145 -6.56 14.46 5.35
N GLN C 146 -6.22 13.43 4.29
N GLN C 146 -7.25 13.45 4.85
CA GLN C 146 -5.44 12.19 4.40
CA GLN C 146 -6.93 12.06 5.13
C GLN C 146 -4.15 12.22 3.60
C GLN C 146 -6.85 11.29 3.82
N GLY C 147 -4.04 13.12 2.61
N GLY C 147 -6.03 10.25 3.79
CA GLY C 147 -2.91 13.19 1.72
CA GLY C 147 -5.82 9.54 2.56
C GLY C 147 -3.29 13.35 0.27
C GLY C 147 -5.11 10.45 1.56
N GLU C 148 -2.64 12.61 -0.63
N GLU C 148 -5.41 10.23 0.28
CA GLU C 148 -2.88 12.80 -2.06
CA GLU C 148 -4.83 10.99 -0.81
C GLU C 148 -4.30 12.39 -2.43
C GLU C 148 -5.92 11.39 -1.79
N SER C 149 -4.88 13.10 -3.39
N SER C 149 -5.76 12.57 -2.37
CA SER C 149 -6.30 12.98 -3.71
CA SER C 149 -6.57 12.98 -3.50
C SER C 149 -6.53 11.98 -4.84
C SER C 149 -6.59 11.91 -4.57
N LEU C 150 -7.79 11.61 -5.06
CA LEU C 150 -8.03 10.57 -6.05
C LEU C 150 -7.64 10.99 -7.47
N VAL C 151 -7.76 12.26 -7.83
CA VAL C 151 -7.57 12.57 -9.24
C VAL C 151 -6.62 13.74 -9.48
N TRP C 152 -5.71 14.01 -8.54
CA TRP C 152 -4.67 15.00 -8.84
C TRP C 152 -3.85 14.60 -10.07
N HIS C 153 -3.79 13.30 -10.38
CA HIS C 153 -3.08 12.87 -11.58
C HIS C 153 -3.72 13.39 -12.87
N PHE C 154 -5.00 13.80 -12.85
CA PHE C 154 -5.57 14.45 -14.05
C PHE C 154 -4.71 15.63 -14.48
N SER C 155 -4.31 16.47 -13.52
CA SER C 155 -3.52 17.65 -13.83
C SER C 155 -2.10 17.27 -14.25
N PHE C 156 -1.49 16.33 -13.52
CA PHE C 156 -0.16 15.85 -13.85
C PHE C 156 -0.10 15.34 -15.29
N PHE C 157 -1.04 14.47 -15.65
CA PHE C 157 -1.01 13.81 -16.94
C PHE C 157 -1.39 14.76 -18.07
N ALA C 158 -2.24 15.76 -17.79
CA ALA C 158 -2.66 16.71 -18.82
C ALA C 158 -1.71 17.90 -19.00
N ALA C 159 -0.72 18.06 -18.12
CA ALA C 159 0.17 19.21 -18.16
C ALA C 159 0.91 19.29 -19.49
N ASP C 160 1.19 20.51 -19.93
CA ASP C 160 1.87 20.64 -21.22
CA ASP C 160 1.90 20.77 -21.18
C ASP C 160 3.37 20.38 -21.05
N ASP C 161 4.14 20.61 -22.12
CA ASP C 161 5.57 20.34 -22.17
C ASP C 161 5.89 18.87 -21.98
N ARG C 162 4.91 17.97 -22.20
CA ARG C 162 5.11 16.53 -22.00
C ARG C 162 5.67 16.25 -20.62
N LEU C 163 5.13 16.96 -19.62
CA LEU C 163 5.70 16.90 -18.28
C LEU C 163 5.73 15.47 -17.75
N ALA C 164 4.60 14.77 -17.81
CA ALA C 164 4.53 13.45 -17.18
C ALA C 164 5.42 12.45 -17.93
N GLU C 165 5.37 12.45 -19.26
CA GLU C 165 6.22 11.54 -20.03
CA GLU C 165 6.20 11.55 -20.03
C GLU C 165 7.69 11.81 -19.75
N THR C 166 8.08 13.08 -19.69
CA THR C 166 9.49 13.40 -19.52
C THR C 166 9.97 12.98 -18.14
N LEU C 167 9.13 13.12 -17.11
CA LEU C 167 9.53 12.72 -15.77
C LEU C 167 9.51 11.21 -15.59
N ILE C 168 8.55 10.52 -16.21
CA ILE C 168 8.36 9.10 -15.94
C ILE C 168 9.22 8.20 -16.84
N ALA C 169 9.67 8.71 -17.99
CA ALA C 169 10.52 7.92 -18.87
C ALA C 169 11.76 7.41 -18.11
N GLY C 170 12.06 6.12 -18.28
CA GLY C 170 13.13 5.50 -17.53
C GLY C 170 12.77 5.10 -16.11
N LYS C 171 11.60 5.51 -15.63
CA LYS C 171 11.14 5.20 -14.28
C LYS C 171 9.73 4.59 -14.33
N GLU C 172 9.38 3.92 -15.42
CA GLU C 172 8.00 3.50 -15.62
C GLU C 172 7.61 2.43 -14.62
N ARG C 173 8.53 1.50 -14.33
CA ARG C 173 8.20 0.41 -13.41
C ARG C 173 7.99 0.93 -12.00
N PHE C 174 8.83 1.87 -11.55
CA PHE C 174 8.64 2.52 -10.26
C PHE C 174 7.31 3.28 -10.23
N PHE C 175 7.06 4.12 -11.24
CA PHE C 175 5.86 4.94 -11.18
C PHE C 175 4.60 4.08 -11.15
N LEU C 176 4.55 3.05 -11.98
CA LEU C 176 3.33 2.27 -12.09
C LEU C 176 3.03 1.56 -10.79
N GLU C 177 4.06 1.03 -10.12
CA GLU C 177 3.82 0.38 -8.84
C GLU C 177 3.25 1.37 -7.84
N HIS C 178 3.82 2.59 -7.76
CA HIS C 178 3.27 3.59 -6.85
C HIS C 178 1.84 3.96 -7.22
N PHE C 179 1.60 4.22 -8.51
CA PHE C 179 0.27 4.65 -8.93
C PHE C 179 -0.77 3.60 -8.62
N ILE C 180 -0.48 2.34 -8.95
CA ILE C 180 -1.47 1.29 -8.73
C ILE C 180 -1.69 1.09 -7.22
N LYS C 181 -0.61 0.93 -6.46
CA LYS C 181 -0.80 0.63 -5.04
C LYS C 181 -1.40 1.83 -4.29
N SER C 182 -1.09 3.06 -4.71
CA SER C 182 -1.67 4.19 -4.00
C SER C 182 -3.17 4.31 -4.25
N HIS C 183 -3.68 3.65 -5.29
CA HIS C 183 -5.10 3.64 -5.60
C HIS C 183 -5.75 2.32 -5.24
N ALA C 184 -5.09 1.49 -4.44
CA ALA C 184 -5.61 0.17 -4.08
C ALA C 184 -5.91 0.09 -2.58
N SER C 185 -6.87 -0.78 -2.25
CA SER C 185 -7.11 -1.21 -0.88
C SER C 185 -6.38 -2.52 -0.59
N ASN C 186 -6.55 -3.51 -1.46
CA ASN C 186 -5.89 -4.81 -1.33
CA ASN C 186 -5.90 -4.83 -1.34
C ASN C 186 -4.64 -4.79 -2.21
N THR C 187 -3.57 -4.20 -1.68
CA THR C 187 -2.36 -4.04 -2.48
C THR C 187 -1.65 -5.36 -2.73
N GLU C 188 -1.93 -6.39 -1.93
CA GLU C 188 -1.15 -7.61 -2.00
C GLU C 188 -1.30 -8.34 -3.32
N VAL C 189 -2.37 -8.07 -4.08
CA VAL C 189 -2.55 -8.76 -5.36
C VAL C 189 -1.61 -8.25 -6.43
N PHE C 190 -0.94 -7.11 -6.20
CA PHE C 190 -0.02 -6.59 -7.19
C PHE C 190 1.39 -7.07 -6.87
N SER C 191 1.60 -8.35 -7.21
CA SER C 191 2.90 -8.97 -7.08
C SER C 191 3.90 -8.28 -8.00
N GLU C 192 5.18 -8.42 -7.65
CA GLU C 192 6.21 -7.83 -8.50
C GLU C 192 6.14 -8.40 -9.90
N ARG C 193 5.77 -9.70 -10.03
CA ARG C 193 5.62 -10.32 -11.34
C ARG C 193 4.54 -9.64 -12.17
N LEU C 194 3.36 -9.43 -11.59
CA LEU C 194 2.28 -8.76 -12.33
C LEU C 194 2.66 -7.34 -12.68
N LEU C 195 3.26 -6.61 -11.74
CA LEU C 195 3.68 -5.24 -12.00
C LEU C 195 4.70 -5.19 -13.14
N ASP C 196 5.62 -6.16 -13.17
CA ASP C 196 6.58 -6.25 -14.28
C ASP C 196 5.84 -6.33 -15.62
N LEU C 197 4.80 -7.16 -15.70
CA LEU C 197 4.09 -7.33 -16.96
C LEU C 197 3.44 -6.03 -17.40
N TYR C 198 2.72 -5.37 -16.49
CA TYR C 198 2.05 -4.14 -16.87
C TYR C 198 3.05 -3.04 -17.21
N ALA C 199 4.16 -2.97 -16.46
CA ALA C 199 5.12 -1.89 -16.67
C ALA C 199 5.81 -2.03 -18.02
N ARG C 200 6.14 -3.27 -18.42
CA ARG C 200 6.79 -3.49 -19.70
C ARG C 200 5.93 -3.00 -20.85
N SER C 201 4.61 -3.14 -20.73
CA SER C 201 3.72 -2.74 -21.81
C SER C 201 3.64 -1.22 -21.91
N TYR C 202 3.40 -0.54 -20.80
CA TYR C 202 3.18 0.89 -20.92
C TYR C 202 4.49 1.68 -20.98
N ALA C 203 5.64 1.02 -20.79
CA ALA C 203 6.92 1.68 -20.99
C ALA C 203 7.33 1.75 -22.46
N LYS C 204 6.63 1.07 -23.36
CA LYS C 204 6.86 1.31 -24.78
C LYS C 204 6.67 2.80 -25.04
N PRO C 205 7.60 3.47 -25.70
CA PRO C 205 7.54 4.93 -25.76
C PRO C 205 6.24 5.47 -26.33
N HIS C 206 5.72 4.87 -27.41
CA HIS C 206 4.44 5.35 -27.92
C HIS C 206 3.30 5.05 -26.96
N SER C 207 3.42 4.02 -26.10
CA SER C 207 2.37 3.72 -25.15
C SER C 207 2.38 4.66 -23.96
N LEU C 208 3.58 5.03 -23.49
CA LEU C 208 3.67 6.01 -22.41
C LEU C 208 3.07 7.33 -22.87
N ASN C 209 3.39 7.74 -24.09
CA ASN C 209 2.82 8.98 -24.61
C ASN C 209 1.31 8.85 -24.81
N ALA C 210 0.86 7.73 -25.41
CA ALA C 210 -0.57 7.54 -25.61
C ALA C 210 -1.33 7.58 -24.29
N SER C 211 -0.75 7.00 -23.23
CA SER C 211 -1.40 7.00 -21.92
C SER C 211 -1.83 8.41 -21.51
N PHE C 212 -0.93 9.38 -21.67
CA PHE C 212 -1.23 10.73 -21.20
C PHE C 212 -2.04 11.55 -22.20
N GLU C 213 -2.03 11.17 -23.48
CA GLU C 213 -2.86 11.88 -24.46
C GLU C 213 -4.34 11.77 -24.13
N TYR C 214 -4.78 10.66 -23.52
CA TYR C 214 -6.17 10.56 -23.09
C TYR C 214 -6.52 11.65 -22.09
N TYR C 215 -5.58 11.99 -21.20
CA TYR C 215 -5.83 13.05 -20.23
C TYR C 215 -5.71 14.42 -20.86
N ARG C 216 -4.80 14.59 -21.82
CA ARG C 216 -4.71 15.84 -22.55
C ARG C 216 -5.96 16.14 -23.34
N ALA C 217 -6.75 15.12 -23.67
CA ALA C 217 -8.02 15.29 -24.35
C ALA C 217 -9.22 15.34 -23.41
N LEU C 218 -8.98 15.27 -22.09
CA LEU C 218 -10.11 15.14 -21.16
C LEU C 218 -11.05 16.36 -21.23
N ASN C 219 -10.49 17.57 -21.28
CA ASN C 219 -11.37 18.73 -21.33
C ASN C 219 -12.17 18.77 -22.62
N GLU C 220 -11.58 18.32 -23.74
CA GLU C 220 -12.35 18.17 -24.97
C GLU C 220 -13.47 17.15 -24.78
N SER C 221 -13.17 16.03 -24.12
CA SER C 221 -14.18 15.02 -23.86
C SER C 221 -15.32 15.58 -23.01
N VAL C 222 -14.99 16.40 -22.00
CA VAL C 222 -16.03 17.07 -21.22
C VAL C 222 -16.93 17.89 -22.13
N ARG C 223 -16.33 18.68 -23.04
CA ARG C 223 -17.13 19.54 -23.89
C ARG C 223 -18.00 18.72 -24.83
N GLN C 224 -17.47 17.59 -25.32
CA GLN C 224 -18.27 16.70 -26.17
C GLN C 224 -19.48 16.17 -25.41
N ASN C 225 -19.26 15.71 -24.17
CA ASN C 225 -20.31 15.05 -23.42
C ASN C 225 -21.39 16.01 -22.96
N ALA C 226 -21.07 17.30 -22.81
CA ALA C 226 -22.10 18.28 -22.49
C ALA C 226 -23.18 18.32 -23.56
N GLU C 227 -22.82 18.07 -24.81
CA GLU C 227 -23.82 17.98 -25.88
C GLU C 227 -24.46 16.60 -25.93
N LEU C 228 -23.67 15.53 -25.79
CA LEU C 228 -24.21 14.19 -25.86
C LEU C 228 -25.16 13.88 -24.70
N ALA C 229 -24.92 14.44 -23.52
CA ALA C 229 -25.68 14.03 -22.34
C ALA C 229 -27.08 14.61 -22.31
N LYS C 230 -27.47 15.41 -23.30
CA LYS C 230 -28.87 15.84 -23.40
C LYS C 230 -29.81 14.67 -23.67
N THR C 231 -29.29 13.47 -23.95
CA THR C 231 -30.09 12.28 -24.15
C THR C 231 -29.67 11.25 -23.11
N ARG C 232 -30.61 10.81 -22.28
CA ARG C 232 -30.33 9.82 -21.25
C ARG C 232 -30.23 8.42 -21.85
N LEU C 233 -29.43 7.57 -21.19
CA LEU C 233 -29.26 6.19 -21.62
C LEU C 233 -30.46 5.36 -21.19
N GLN C 234 -30.94 4.51 -22.11
CA GLN C 234 -32.17 3.75 -21.91
C GLN C 234 -31.96 2.27 -21.55
N MET C 235 -30.77 1.74 -21.74
CA MET C 235 -30.60 0.32 -21.53
C MET C 235 -30.25 0.03 -20.07
N PRO C 236 -30.41 -1.21 -19.61
CA PRO C 236 -30.03 -1.53 -18.23
C PRO C 236 -28.55 -1.27 -18.02
N THR C 237 -28.24 -0.59 -16.91
CA THR C 237 -26.88 -0.23 -16.57
CA THR C 237 -26.86 -0.28 -16.59
C THR C 237 -26.60 -0.61 -15.12
N MET C 238 -25.36 -1.02 -14.86
CA MET C 238 -24.88 -1.28 -13.50
C MET C 238 -23.58 -0.53 -13.32
N THR C 239 -23.42 0.13 -12.17
CA THR C 239 -22.15 0.74 -11.82
C THR C 239 -21.52 -0.04 -10.66
N LEU C 240 -20.20 -0.19 -10.71
CA LEU C 240 -19.44 -0.72 -9.59
C LEU C 240 -18.38 0.28 -9.14
N ALA C 241 -18.14 0.33 -7.83
CA ALA C 241 -17.12 1.20 -7.28
C ALA C 241 -16.54 0.52 -6.05
N GLY C 242 -15.26 0.79 -5.78
CA GLY C 242 -14.68 0.36 -4.53
C GLY C 242 -15.07 1.29 -3.38
N GLY C 243 -15.24 0.69 -2.20
CA GLY C 243 -15.51 1.45 -0.99
C GLY C 243 -14.26 1.69 -0.16
N GLY C 244 -13.16 1.02 -0.52
CA GLY C 244 -11.91 1.14 0.18
C GLY C 244 -11.02 2.25 -0.35
N HIS C 245 -9.77 2.25 0.12
CA HIS C 245 -8.80 3.25 -0.33
C HIS C 245 -8.66 3.23 -1.85
N GLY C 246 -8.82 4.39 -2.47
CA GLY C 246 -8.76 4.49 -3.91
C GLY C 246 -10.09 4.31 -4.61
N GLY C 247 -11.13 3.95 -3.88
CA GLY C 247 -12.43 3.76 -4.51
C GLY C 247 -13.19 5.06 -4.67
N MET C 248 -14.09 5.07 -5.67
CA MET C 248 -14.96 6.20 -5.94
C MET C 248 -16.15 6.27 -5.00
N GLY C 249 -16.43 5.19 -4.25
CA GLY C 249 -17.53 5.23 -3.29
C GLY C 249 -18.85 5.49 -3.98
N THR C 250 -19.67 6.32 -3.33
CA THR C 250 -21.01 6.57 -3.85
C THR C 250 -21.02 7.49 -5.07
N PHE C 251 -19.87 8.08 -5.44
CA PHE C 251 -19.88 9.00 -6.57
C PHE C 251 -20.30 8.29 -7.85
N GLN C 252 -19.84 7.05 -8.04
CA GLN C 252 -20.06 6.36 -9.31
C GLN C 252 -21.54 6.25 -9.63
N LEU C 253 -22.33 5.75 -8.68
CA LEU C 253 -23.76 5.60 -8.92
C LEU C 253 -24.45 6.94 -8.98
N GLU C 254 -24.08 7.88 -8.11
CA GLU C 254 -24.81 9.15 -8.06
C GLU C 254 -24.66 9.90 -9.37
N GLN C 255 -23.47 9.85 -9.99
CA GLN C 255 -23.31 10.45 -11.31
C GLN C 255 -24.10 9.72 -12.38
N MET C 256 -24.06 8.38 -12.36
CA MET C 256 -24.75 7.62 -13.39
C MET C 256 -26.27 7.86 -13.37
N LYS C 257 -26.83 8.19 -12.21
CA LYS C 257 -28.26 8.45 -12.16
C LYS C 257 -28.64 9.67 -12.99
N ALA C 258 -27.71 10.60 -13.19
CA ALA C 258 -27.99 11.73 -14.08
C ALA C 258 -27.90 11.34 -15.55
N TYR C 259 -27.32 10.17 -15.86
CA TYR C 259 -27.11 9.74 -17.23
C TYR C 259 -28.02 8.61 -17.68
N ALA C 260 -28.56 7.80 -16.76
CA ALA C 260 -29.23 6.56 -17.11
C ALA C 260 -30.60 6.47 -16.47
N GLU C 261 -31.56 5.91 -17.20
CA GLU C 261 -32.90 5.71 -16.67
C GLU C 261 -32.99 4.47 -15.79
N ASP C 262 -32.20 3.45 -16.10
CA ASP C 262 -32.28 2.13 -15.47
C ASP C 262 -30.88 1.82 -14.97
N VAL C 263 -30.62 2.06 -13.68
CA VAL C 263 -29.26 1.87 -13.15
C VAL C 263 -29.31 1.31 -11.74
N GLU C 264 -28.52 0.27 -11.50
CA GLU C 264 -28.26 -0.25 -10.16
C GLU C 264 -26.78 -0.06 -9.87
N GLY C 265 -26.45 0.19 -8.61
CA GLY C 265 -25.07 0.47 -8.24
C GLY C 265 -24.64 -0.35 -7.05
N HIS C 266 -23.35 -0.66 -7.02
CA HIS C 266 -22.76 -1.40 -5.92
C HIS C 266 -21.44 -0.76 -5.52
N VAL C 267 -21.21 -0.68 -4.22
CA VAL C 267 -19.93 -0.27 -3.64
C VAL C 267 -19.35 -1.50 -2.96
N LEU C 268 -18.14 -1.91 -3.36
CA LEU C 268 -17.54 -3.13 -2.85
C LEU C 268 -16.62 -2.81 -1.68
N PRO C 269 -16.93 -3.26 -0.46
CA PRO C 269 -16.09 -2.91 0.70
C PRO C 269 -14.71 -3.54 0.63
N GLY C 270 -13.73 -2.83 1.18
CA GLY C 270 -12.36 -3.34 1.20
C GLY C 270 -11.73 -3.46 -0.16
N CYS C 271 -12.23 -2.72 -1.14
CA CYS C 271 -11.73 -2.74 -2.52
C CYS C 271 -11.50 -1.30 -2.94
N GLY C 272 -10.38 -1.07 -3.64
CA GLY C 272 -10.10 0.25 -4.18
C GLY C 272 -10.41 0.40 -5.65
N HIS C 273 -9.44 0.91 -6.43
CA HIS C 273 -9.69 1.19 -7.84
C HIS C 273 -9.69 -0.07 -8.70
N TRP C 274 -8.83 -1.05 -8.38
CA TRP C 274 -8.55 -2.12 -9.33
C TRP C 274 -9.44 -3.33 -9.05
N LEU C 275 -10.76 -3.14 -9.24
CA LEU C 275 -11.74 -4.15 -8.83
C LEU C 275 -11.47 -5.54 -9.41
N PRO C 276 -11.17 -5.72 -10.71
CA PRO C 276 -11.00 -7.08 -11.24
C PRO C 276 -9.92 -7.86 -10.54
N GLU C 277 -8.90 -7.17 -10.01
CA GLU C 277 -7.78 -7.84 -9.35
C GLU C 277 -7.90 -7.84 -7.83
N GLU C 278 -8.32 -6.72 -7.24
CA GLU C 278 -8.41 -6.63 -5.78
C GLU C 278 -9.57 -7.44 -5.24
N CYS C 279 -10.66 -7.55 -6.00
CA CYS C 279 -11.88 -8.14 -5.49
C CYS C 279 -12.54 -8.97 -6.60
N ALA C 280 -11.77 -9.94 -7.11
CA ALA C 280 -12.19 -10.71 -8.28
C ALA C 280 -13.48 -11.47 -8.03
N ALA C 281 -13.58 -12.16 -6.89
CA ALA C 281 -14.76 -13.01 -6.68
C ALA C 281 -16.05 -12.20 -6.63
N PRO C 282 -16.20 -11.17 -5.79
CA PRO C 282 -17.48 -10.45 -5.81
C PRO C 282 -17.68 -9.65 -7.08
N MET C 283 -16.63 -9.09 -7.66
CA MET C 283 -16.82 -8.30 -8.89
C MET C 283 -17.26 -9.20 -10.03
N ASN C 284 -16.58 -10.34 -10.23
CA ASN C 284 -16.97 -11.23 -11.32
C ASN C 284 -18.40 -11.71 -11.14
N ARG C 285 -18.78 -12.05 -9.90
CA ARG C 285 -20.15 -12.51 -9.65
C ARG C 285 -21.16 -11.43 -10.02
N LEU C 286 -20.90 -10.18 -9.62
CA LEU C 286 -21.83 -9.10 -9.92
C LEU C 286 -21.98 -8.91 -11.43
N VAL C 287 -20.86 -8.97 -12.16
CA VAL C 287 -20.92 -8.74 -13.61
C VAL C 287 -21.60 -9.90 -14.31
N ILE C 288 -21.24 -11.14 -13.95
CA ILE C 288 -21.83 -12.30 -14.62
C ILE C 288 -23.33 -12.35 -14.38
N ASP C 289 -23.77 -12.09 -13.14
CA ASP C 289 -25.21 -12.12 -12.85
C ASP C 289 -25.94 -11.03 -13.62
N PHE C 290 -25.35 -9.84 -13.69
CA PHE C 290 -26.06 -8.73 -14.32
C PHE C 290 -26.20 -8.95 -15.82
N LEU C 291 -25.13 -9.45 -16.47
CA LEU C 291 -25.20 -9.73 -17.90
C LEU C 291 -26.04 -10.96 -18.20
N SER C 292 -26.12 -11.91 -17.28
CA SER C 292 -26.90 -13.12 -17.50
C SER C 292 -28.39 -12.91 -17.29
N ARG C 293 -28.82 -11.72 -16.87
CA ARG C 293 -30.24 -11.41 -16.92
C ARG C 293 -30.72 -11.28 -18.35
N GLY C 294 -29.81 -10.91 -19.28
CA GLY C 294 -30.11 -10.96 -20.69
C GLY C 294 -29.87 -12.32 -21.31
N ARG C 295 -30.43 -12.52 -22.49
CA ARG C 295 -30.31 -13.80 -23.18
C ARG C 295 -28.85 -14.08 -23.50
N HIS C 296 -28.35 -15.22 -23.00
CA HIS C 296 -26.97 -15.65 -23.22
C HIS C 296 -26.97 -17.07 -23.78
N HIS C 297 -25.80 -17.69 -23.79
CA HIS C 297 -25.62 -19.02 -24.37
C HIS C 297 -25.53 -20.12 -23.30
N ALA D 1 32.47 29.31 -2.13
CA ALA D 1 31.57 29.49 -3.26
C ALA D 1 30.14 29.75 -2.76
N GLU D 2 29.44 30.64 -3.45
CA GLU D 2 28.05 30.94 -3.15
C GLU D 2 27.17 30.38 -4.26
N GLU D 3 25.98 29.93 -3.88
CA GLU D 3 25.05 29.47 -4.90
C GLU D 3 24.47 30.63 -5.71
N PHE D 4 24.37 31.82 -5.10
CA PHE D 4 23.78 32.98 -5.74
C PHE D 4 24.63 34.21 -5.44
N PRO D 5 24.67 35.18 -6.36
CA PRO D 5 25.49 36.39 -6.13
C PRO D 5 24.95 37.25 -5.01
N VAL D 6 25.84 37.66 -4.11
CA VAL D 6 25.48 38.49 -2.96
C VAL D 6 25.50 39.96 -3.37
N PRO D 7 24.44 40.74 -3.10
CA PRO D 7 24.47 42.17 -3.45
C PRO D 7 25.57 42.92 -2.71
N ASN D 8 26.05 43.99 -3.35
CA ASN D 8 27.08 44.82 -2.73
CA ASN D 8 27.08 44.82 -2.73
C ASN D 8 26.59 45.37 -1.39
N GLY D 9 27.47 45.31 -0.39
CA GLY D 9 27.13 45.78 0.93
C GLY D 9 26.47 44.74 1.82
N PHE D 10 26.17 43.56 1.30
CA PHE D 10 25.60 42.47 2.07
C PHE D 10 26.66 41.41 2.34
N GLU D 11 26.44 40.64 3.41
CA GLU D 11 27.31 39.54 3.75
C GLU D 11 26.53 38.23 3.75
N SER D 12 27.19 37.17 3.30
CA SER D 12 26.67 35.81 3.41
C SER D 12 27.31 35.15 4.63
N ALA D 13 26.49 34.62 5.52
CA ALA D 13 27.00 34.12 6.79
C ALA D 13 26.14 32.95 7.27
N TYR D 14 26.53 32.39 8.41
CA TYR D 14 25.82 31.25 8.97
C TYR D 14 25.70 31.43 10.48
N ARG D 15 24.62 30.89 11.03
CA ARG D 15 24.46 30.80 12.48
C ARG D 15 23.90 29.44 12.84
N GLU D 16 24.37 28.89 13.96
CA GLU D 16 23.80 27.68 14.52
C GLU D 16 22.55 28.05 15.30
N VAL D 17 21.44 27.39 15.01
CA VAL D 17 20.20 27.54 15.77
C VAL D 17 19.70 26.16 16.14
N ASP D 18 19.63 25.88 17.45
CA ASP D 18 19.22 24.57 17.94
C ASP D 18 19.95 23.44 17.20
N GLY D 19 21.27 23.62 17.02
CA GLY D 19 22.09 22.60 16.39
C GLY D 19 22.01 22.51 14.88
N VAL D 20 21.33 23.46 14.23
CA VAL D 20 21.16 23.44 12.79
C VAL D 20 21.84 24.68 12.21
N LYS D 21 22.72 24.47 11.22
CA LYS D 21 23.49 25.58 10.66
C LYS D 21 22.66 26.23 9.57
N LEU D 22 22.19 27.45 9.84
CA LEU D 22 21.36 28.18 8.90
C LEU D 22 22.22 29.18 8.12
N HIS D 23 21.97 29.27 6.82
CA HIS D 23 22.60 30.28 5.97
C HIS D 23 21.68 31.48 5.84
N TYR D 24 22.27 32.67 5.76
CA TYR D 24 21.49 33.87 5.49
C TYR D 24 22.37 34.91 4.81
N VAL D 25 21.73 35.89 4.22
CA VAL D 25 22.39 37.08 3.68
C VAL D 25 21.81 38.28 4.40
N LYS D 26 22.71 39.18 4.84
CA LYS D 26 22.37 40.25 5.78
C LYS D 26 23.03 41.56 5.37
N GLY D 27 22.28 42.65 5.47
CA GLY D 27 22.84 43.96 5.21
C GLY D 27 21.95 45.04 5.80
N GLY D 28 22.47 46.26 5.82
CA GLY D 28 21.70 47.41 6.22
C GLY D 28 21.89 47.76 7.69
N GLN D 29 21.16 48.78 8.11
CA GLN D 29 21.17 49.28 9.47
C GLN D 29 19.76 49.69 9.86
N GLY D 30 19.44 49.54 11.14
CA GLY D 30 18.14 49.91 11.64
C GLY D 30 17.36 48.71 12.15
N PRO D 31 16.07 48.87 12.39
CA PRO D 31 15.25 47.74 12.83
C PRO D 31 15.31 46.58 11.83
N LEU D 32 15.11 45.37 12.34
CA LEU D 32 15.31 44.17 11.55
C LEU D 32 14.06 43.83 10.73
N VAL D 33 14.27 43.45 9.48
CA VAL D 33 13.24 42.83 8.64
C VAL D 33 13.78 41.48 8.18
N MET D 34 13.02 40.41 8.44
CA MET D 34 13.38 39.08 7.97
C MET D 34 12.50 38.75 6.78
N LEU D 35 13.14 38.34 5.68
CA LEU D 35 12.47 37.96 4.44
C LEU D 35 12.64 36.46 4.25
N VAL D 36 11.53 35.73 4.08
CA VAL D 36 11.55 34.26 4.08
C VAL D 36 10.98 33.75 2.76
N HIS D 37 11.81 33.06 1.99
CA HIS D 37 11.51 32.60 0.64
C HIS D 37 10.61 31.36 0.67
N GLY D 38 10.22 30.90 -0.52
CA GLY D 38 9.37 29.73 -0.65
C GLY D 38 9.91 28.63 -1.54
N PHE D 39 9.03 27.72 -1.96
CA PHE D 39 9.46 26.54 -2.70
C PHE D 39 10.08 26.90 -4.04
N GLY D 40 11.12 26.15 -4.41
CA GLY D 40 11.80 26.33 -5.68
C GLY D 40 12.80 27.46 -5.71
N GLN D 41 12.97 28.18 -4.60
CA GLN D 41 13.79 29.38 -4.57
C GLN D 41 14.62 29.34 -3.30
N THR D 42 15.34 30.43 -3.06
CA THR D 42 16.22 30.59 -1.92
C THR D 42 16.12 32.04 -1.48
N TRP D 43 17.03 32.45 -0.59
CA TRP D 43 17.13 33.86 -0.22
C TRP D 43 17.19 34.77 -1.43
N TYR D 44 17.72 34.25 -2.56
CA TYR D 44 17.99 35.11 -3.72
C TYR D 44 16.74 35.70 -4.34
N GLU D 45 15.56 35.14 -4.10
CA GLU D 45 14.37 35.77 -4.68
C GLU D 45 14.16 37.18 -4.13
N TRP D 46 14.78 37.51 -3.00
CA TRP D 46 14.67 38.84 -2.42
C TRP D 46 15.80 39.78 -2.83
N HIS D 47 16.67 39.40 -3.77
CA HIS D 47 17.89 40.16 -3.99
C HIS D 47 17.62 41.54 -4.60
N GLN D 48 16.47 41.76 -5.21
CA GLN D 48 16.17 43.09 -5.72
C GLN D 48 15.55 43.99 -4.66
N LEU D 49 14.79 43.39 -3.74
CA LEU D 49 14.20 44.16 -2.64
C LEU D 49 15.25 44.53 -1.60
N MET D 50 16.23 43.64 -1.38
CA MET D 50 17.15 43.80 -0.24
C MET D 50 17.92 45.13 -0.26
N PRO D 51 18.55 45.54 -1.37
CA PRO D 51 19.30 46.82 -1.32
C PRO D 51 18.43 48.03 -1.03
N GLU D 52 17.21 48.07 -1.57
CA GLU D 52 16.31 49.19 -1.30
C GLU D 52 15.85 49.20 0.14
N LEU D 53 15.51 48.02 0.66
CA LEU D 53 15.05 47.92 2.04
C LEU D 53 16.17 48.27 3.01
N ALA D 54 17.41 47.89 2.68
CA ALA D 54 18.55 48.13 3.55
C ALA D 54 18.88 49.60 3.72
N LYS D 55 18.24 50.49 2.95
CA LYS D 55 18.42 51.91 3.16
C LYS D 55 17.82 52.38 4.46
N ARG D 56 16.84 51.65 4.99
CA ARG D 56 16.13 52.04 6.21
C ARG D 56 16.08 50.95 7.27
N PHE D 57 16.45 49.72 6.95
CA PHE D 57 16.32 48.60 7.88
C PHE D 57 17.56 47.72 7.82
N THR D 58 17.77 46.95 8.88
CA THR D 58 18.65 45.79 8.81
C THR D 58 17.86 44.66 8.18
N VAL D 59 18.40 44.04 7.14
CA VAL D 59 17.66 43.06 6.34
C VAL D 59 18.37 41.72 6.45
N ILE D 60 17.63 40.68 6.81
CA ILE D 60 18.17 39.33 6.81
C ILE D 60 17.28 38.42 5.98
N ALA D 61 17.89 37.62 5.11
CA ALA D 61 17.16 36.69 4.24
C ALA D 61 17.76 35.31 4.42
N PRO D 62 17.15 34.46 5.23
CA PRO D 62 17.70 33.12 5.44
C PRO D 62 17.26 32.15 4.36
N ASP D 63 18.05 31.08 4.20
CA ASP D 63 17.60 29.91 3.46
C ASP D 63 16.82 29.01 4.40
N LEU D 64 15.64 28.56 3.95
CA LEU D 64 14.84 27.65 4.75
C LEU D 64 15.65 26.38 5.06
N PRO D 65 15.42 25.75 6.22
CA PRO D 65 16.16 24.53 6.56
C PRO D 65 16.14 23.50 5.43
N GLY D 66 17.33 23.01 5.07
CA GLY D 66 17.46 22.03 4.01
C GLY D 66 17.55 22.60 2.62
N LEU D 67 17.16 23.85 2.42
CA LEU D 67 17.17 24.51 1.12
C LEU D 67 18.30 25.52 1.06
N GLY D 68 18.63 25.96 -0.14
CA GLY D 68 19.80 26.82 -0.32
C GLY D 68 21.02 26.18 0.32
N GLN D 69 21.71 26.95 1.16
CA GLN D 69 22.88 26.47 1.88
C GLN D 69 22.62 26.23 3.36
N SER D 70 21.34 26.07 3.75
CA SER D 70 20.99 25.76 5.13
C SER D 70 20.91 24.27 5.38
N GLU D 71 21.37 23.85 6.56
CA GLU D 71 21.28 22.44 6.97
C GLU D 71 19.81 22.04 7.17
N PRO D 72 19.47 20.78 6.91
CA PRO D 72 18.10 20.32 7.17
C PRO D 72 17.75 20.43 8.64
N PRO D 73 16.47 20.54 8.98
CA PRO D 73 16.07 20.61 10.38
C PRO D 73 16.35 19.30 11.08
N LYS D 74 16.61 19.40 12.38
CA LYS D 74 16.82 18.20 13.19
C LYS D 74 15.56 17.76 13.90
N THR D 75 14.52 18.60 13.91
CA THR D 75 13.23 18.24 14.50
C THR D 75 12.27 17.72 13.44
N GLY D 76 11.89 18.58 12.50
CA GLY D 76 10.99 18.16 11.44
C GLY D 76 10.62 19.35 10.59
N TYR D 77 9.73 19.09 9.63
CA TYR D 77 9.40 20.06 8.60
C TYR D 77 7.99 20.63 8.76
N SER D 78 7.29 20.32 9.84
CA SER D 78 5.99 20.98 10.04
C SER D 78 6.19 22.45 10.38
N GLY D 79 5.13 23.23 10.20
CA GLY D 79 5.24 24.67 10.38
C GLY D 79 5.74 25.06 11.76
N GLU D 80 5.24 24.38 12.80
CA GLU D 80 5.62 24.74 14.16
C GLU D 80 7.09 24.44 14.43
N GLN D 81 7.59 23.33 13.88
CA GLN D 81 9.00 22.99 14.10
C GLN D 81 9.92 23.92 13.34
N VAL D 82 9.61 24.22 12.07
CA VAL D 82 10.49 25.09 11.31
C VAL D 82 10.46 26.51 11.88
N ALA D 83 9.28 26.95 12.32
CA ALA D 83 9.16 28.33 12.79
C ALA D 83 10.06 28.59 13.98
N VAL D 84 10.32 27.57 14.81
CA VAL D 84 11.25 27.74 15.92
C VAL D 84 12.61 28.22 15.41
N TYR D 85 13.13 27.56 14.37
CA TYR D 85 14.43 27.94 13.84
C TYR D 85 14.44 29.38 13.37
N LEU D 86 13.39 29.78 12.64
CA LEU D 86 13.37 31.13 12.08
C LEU D 86 13.18 32.18 13.16
N HIS D 87 12.32 31.91 14.13
CA HIS D 87 12.16 32.84 15.24
C HIS D 87 13.46 33.03 16.00
N LYS D 88 14.14 31.92 16.33
CA LYS D 88 15.37 32.05 17.10
C LYS D 88 16.47 32.73 16.29
N LEU D 89 16.54 32.47 14.98
CA LEU D 89 17.51 33.19 14.16
C LEU D 89 17.25 34.69 14.22
N ALA D 90 16.00 35.09 14.03
CA ALA D 90 15.67 36.52 14.09
C ALA D 90 16.02 37.11 15.45
N ARG D 91 15.73 36.39 16.54
CA ARG D 91 16.00 36.93 17.87
C ARG D 91 17.49 37.09 18.13
N GLN D 92 18.34 36.31 17.45
CA GLN D 92 19.78 36.54 17.60
C GLN D 92 20.16 37.92 17.12
N PHE D 93 19.45 38.45 16.13
CA PHE D 93 19.81 39.73 15.56
C PHE D 93 18.95 40.88 16.05
N SER D 94 17.78 40.61 16.61
CA SER D 94 16.91 41.64 17.15
C SER D 94 16.38 41.21 18.52
N PRO D 95 17.28 41.02 19.50
CA PRO D 95 16.84 40.52 20.82
C PRO D 95 16.05 41.53 21.62
N ASP D 96 16.21 42.82 21.37
CA ASP D 96 15.67 43.87 22.21
C ASP D 96 14.53 44.66 21.58
N ARG D 97 14.08 44.32 20.37
CA ARG D 97 12.97 45.02 19.76
C ARG D 97 12.24 44.08 18.82
N PRO D 98 10.96 44.34 18.56
CA PRO D 98 10.24 43.51 17.59
C PRO D 98 10.79 43.71 16.18
N PHE D 99 10.64 42.68 15.36
CA PHE D 99 11.15 42.73 13.99
C PHE D 99 10.00 42.59 13.00
N ASP D 100 10.24 43.02 11.76
CA ASP D 100 9.26 42.85 10.70
C ASP D 100 9.48 41.53 9.98
N LEU D 101 8.40 41.00 9.40
CA LEU D 101 8.47 39.71 8.73
C LEU D 101 7.78 39.79 7.38
N VAL D 102 8.46 39.33 6.34
CA VAL D 102 7.93 39.25 4.99
C VAL D 102 8.13 37.82 4.52
N ALA D 103 7.07 37.17 4.05
CA ALA D 103 7.21 35.78 3.62
C ALA D 103 6.39 35.51 2.37
N HIS D 104 6.91 34.60 1.56
CA HIS D 104 6.34 34.20 0.28
C HIS D 104 6.16 32.68 0.26
N ASP D 105 5.01 32.21 -0.24
CA ASP D 105 4.78 30.78 -0.53
C ASP D 105 4.97 30.00 0.78
N ILE D 106 5.77 28.93 0.82
CA ILE D 106 5.85 28.14 2.05
C ILE D 106 6.60 28.86 3.16
N GLY D 107 7.23 30.00 2.87
CA GLY D 107 7.71 30.85 3.96
C GLY D 107 6.60 31.25 4.92
N ILE D 108 5.37 31.35 4.41
CA ILE D 108 4.20 31.59 5.26
C ILE D 108 3.97 30.41 6.19
N TRP D 109 3.99 29.20 5.63
CA TRP D 109 3.76 28.00 6.43
C TRP D 109 4.76 27.89 7.56
N ASN D 110 6.00 28.29 7.28
CA ASN D 110 7.11 28.14 8.19
C ASN D 110 7.29 29.32 9.12
N THR D 111 6.42 30.33 9.04
CA THR D 111 6.52 31.45 9.97
C THR D 111 5.25 31.72 10.76
N TYR D 112 4.08 31.36 10.22
CA TYR D 112 2.84 31.67 10.92
C TYR D 112 2.83 31.20 12.37
N PRO D 113 3.24 29.97 12.72
CA PRO D 113 3.20 29.58 14.13
C PRO D 113 4.03 30.47 15.04
N MET D 114 5.21 30.91 14.60
CA MET D 114 5.99 31.74 15.51
C MET D 114 5.45 33.17 15.59
N VAL D 115 4.77 33.64 14.54
CA VAL D 115 4.09 34.94 14.63
C VAL D 115 2.95 34.89 15.64
N VAL D 116 2.12 33.85 15.57
CA VAL D 116 0.95 33.83 16.46
CA VAL D 116 0.95 33.75 16.46
C VAL D 116 1.38 33.57 17.91
N LYS D 117 2.46 32.84 18.12
CA LYS D 117 2.90 32.51 19.47
C LYS D 117 3.80 33.58 20.10
N ASN D 118 4.35 34.49 19.31
CA ASN D 118 5.29 35.50 19.79
C ASN D 118 4.93 36.87 19.25
N GLN D 119 3.68 37.28 19.46
CA GLN D 119 3.18 38.46 18.76
C GLN D 119 3.93 39.72 19.17
N ALA D 120 4.37 39.80 20.43
CA ALA D 120 5.11 40.97 20.87
C ALA D 120 6.47 41.10 20.17
N ASP D 121 6.95 40.04 19.54
CA ASP D 121 8.21 40.08 18.82
C ASP D 121 8.06 40.54 17.37
N ILE D 122 6.84 40.69 16.86
CA ILE D 122 6.59 40.98 15.45
C ILE D 122 5.99 42.37 15.35
N ALA D 123 6.71 43.29 14.71
CA ALA D 123 6.16 44.64 14.56
C ALA D 123 5.12 44.69 13.45
N ARG D 124 5.49 44.27 12.24
CA ARG D 124 4.62 44.31 11.07
C ARG D 124 4.84 43.04 10.26
N LEU D 125 3.78 42.61 9.57
CA LEU D 125 3.76 41.32 8.88
C LEU D 125 3.34 41.54 7.43
N VAL D 126 4.05 40.91 6.48
CA VAL D 126 3.67 40.90 5.07
C VAL D 126 3.68 39.45 4.58
N TYR D 127 2.54 38.98 4.08
CA TYR D 127 2.41 37.62 3.56
C TYR D 127 1.98 37.67 2.10
N MET D 128 2.63 36.88 1.24
CA MET D 128 2.26 36.87 -0.17
C MET D 128 2.24 35.47 -0.78
N GLN D 129 1.15 35.16 -1.50
CA GLN D 129 1.10 34.06 -2.47
C GLN D 129 1.28 32.67 -1.83
N ALA D 130 0.41 32.35 -0.89
CA ALA D 130 0.14 30.99 -0.45
C ALA D 130 -0.86 31.01 0.69
N PRO D 131 -1.73 30.02 0.78
CA PRO D 131 -2.63 29.95 1.93
C PRO D 131 -1.84 29.68 3.19
N ILE D 132 -2.27 30.29 4.29
CA ILE D 132 -1.91 29.72 5.59
C ILE D 132 -2.48 28.30 5.65
N PRO D 133 -1.74 27.30 6.09
CA PRO D 133 -2.30 25.94 6.11
C PRO D 133 -3.52 25.85 7.00
N ASP D 134 -4.68 25.62 6.39
CA ASP D 134 -5.92 25.40 7.14
C ASP D 134 -6.89 24.66 6.22
N ALA D 135 -8.13 24.49 6.69
CA ALA D 135 -9.08 23.67 5.95
C ALA D 135 -9.40 24.22 4.57
N ARG D 136 -9.11 25.50 4.32
CA ARG D 136 -9.38 26.08 3.00
C ARG D 136 -8.59 25.37 1.90
N ILE D 137 -7.42 24.82 2.21
CA ILE D 137 -6.62 24.22 1.15
C ILE D 137 -7.27 22.97 0.59
N TYR D 138 -8.19 22.35 1.34
CA TYR D 138 -8.89 21.17 0.85
C TYR D 138 -9.99 21.49 -0.16
N ARG D 139 -10.21 22.77 -0.47
CA ARG D 139 -11.24 23.14 -1.44
C ARG D 139 -10.69 23.44 -2.82
N PHE D 140 -9.37 23.58 -2.96
CA PHE D 140 -8.80 23.85 -4.27
C PHE D 140 -9.03 22.65 -5.18
N PRO D 141 -9.35 22.86 -6.46
CA PRO D 141 -9.64 21.75 -7.36
C PRO D 141 -8.40 21.02 -7.87
N ALA D 142 -8.60 19.73 -8.16
CA ALA D 142 -7.56 18.87 -8.72
C ALA D 142 -7.29 19.15 -10.19
N PHE D 143 -8.27 19.70 -10.91
CA PHE D 143 -8.25 19.83 -12.36
C PHE D 143 -9.20 20.96 -12.74
N THR D 144 -8.88 21.66 -13.83
CA THR D 144 -9.70 22.79 -14.27
C THR D 144 -10.07 22.63 -15.74
N ALA D 145 -11.09 23.39 -16.16
CA ALA D 145 -11.53 23.36 -17.56
C ALA D 145 -10.49 23.94 -18.52
N GLN D 146 -9.42 24.57 -17.99
CA GLN D 146 -8.34 25.10 -18.81
C GLN D 146 -7.05 24.29 -18.71
N GLY D 147 -7.03 23.20 -17.95
CA GLY D 147 -5.83 22.40 -17.79
C GLY D 147 -5.42 22.21 -16.34
N GLU D 148 -4.12 22.05 -16.09
CA GLU D 148 -3.67 21.76 -14.74
C GLU D 148 -4.05 22.88 -13.78
N SER D 149 -4.35 22.50 -12.53
CA SER D 149 -4.80 23.43 -11.52
C SER D 149 -3.64 24.06 -10.76
N LEU D 150 -3.99 24.97 -9.85
CA LEU D 150 -2.98 25.73 -9.12
C LEU D 150 -2.17 24.88 -8.17
N VAL D 151 -2.80 23.95 -7.44
CA VAL D 151 -2.08 23.30 -6.35
C VAL D 151 -2.17 21.78 -6.39
N TRP D 152 -2.36 21.18 -7.57
CA TRP D 152 -2.22 19.73 -7.64
C TRP D 152 -0.85 19.27 -7.14
N HIS D 153 0.15 20.16 -7.19
CA HIS D 153 1.48 19.78 -6.70
C HIS D 153 1.51 19.48 -5.21
N PHE D 154 0.53 19.98 -4.43
CA PHE D 154 0.49 19.59 -3.02
C PHE D 154 0.47 18.06 -2.88
N SER D 155 -0.35 17.40 -3.69
CA SER D 155 -0.45 15.94 -3.62
C SER D 155 0.77 15.27 -4.23
N PHE D 156 1.25 15.78 -5.36
CA PHE D 156 2.47 15.22 -5.97
C PHE D 156 3.63 15.26 -4.98
N PHE D 157 3.83 16.41 -4.33
CA PHE D 157 4.96 16.58 -3.43
C PHE D 157 4.77 15.80 -2.13
N ALA D 158 3.52 15.66 -1.67
CA ALA D 158 3.29 14.94 -0.42
C ALA D 158 3.27 13.43 -0.56
N ALA D 159 3.21 12.90 -1.78
CA ALA D 159 3.13 11.45 -1.98
C ALA D 159 4.34 10.76 -1.34
N ASP D 160 4.12 9.51 -0.88
CA ASP D 160 5.22 8.75 -0.27
C ASP D 160 6.04 8.06 -1.36
N ASP D 161 6.86 7.08 -0.98
CA ASP D 161 7.77 6.37 -1.89
C ASP D 161 8.80 7.29 -2.52
N ARG D 162 9.05 8.46 -1.90
CA ARG D 162 9.86 9.51 -2.52
C ARG D 162 9.44 9.77 -3.97
N LEU D 163 8.13 9.82 -4.21
CA LEU D 163 7.63 9.91 -5.58
C LEU D 163 8.22 11.09 -6.32
N ALA D 164 8.14 12.28 -5.73
CA ALA D 164 8.63 13.48 -6.42
C ALA D 164 10.15 13.44 -6.61
N GLU D 165 10.91 13.06 -5.58
CA GLU D 165 12.36 13.02 -5.74
C GLU D 165 12.76 12.06 -6.85
N THR D 166 12.08 10.92 -6.93
CA THR D 166 12.52 9.88 -7.85
C THR D 166 12.23 10.29 -9.29
N LEU D 167 11.07 10.91 -9.53
CA LEU D 167 10.73 11.32 -10.88
C LEU D 167 11.49 12.57 -11.32
N ILE D 168 11.79 13.46 -10.40
CA ILE D 168 12.41 14.74 -10.78
C ILE D 168 13.93 14.66 -10.84
N ALA D 169 14.55 13.75 -10.09
CA ALA D 169 16.00 13.60 -10.15
C ALA D 169 16.46 13.31 -11.58
N GLY D 170 17.51 14.00 -12.00
CA GLY D 170 17.95 13.97 -13.37
C GLY D 170 17.21 14.92 -14.29
N LYS D 171 16.09 15.48 -13.84
CA LYS D 171 15.27 16.40 -14.62
C LYS D 171 14.92 17.64 -13.81
N GLU D 172 15.83 18.07 -12.92
CA GLU D 172 15.49 19.12 -11.97
C GLU D 172 15.26 20.46 -12.67
N ARG D 173 16.11 20.78 -13.65
CA ARG D 173 15.97 22.03 -14.40
C ARG D 173 14.70 22.02 -15.24
N PHE D 174 14.43 20.92 -15.93
CA PHE D 174 13.21 20.78 -16.72
C PHE D 174 11.97 20.98 -15.85
N PHE D 175 11.92 20.30 -14.70
CA PHE D 175 10.73 20.39 -13.87
C PHE D 175 10.53 21.79 -13.31
N LEU D 176 11.62 22.40 -12.81
CA LEU D 176 11.46 23.70 -12.17
C LEU D 176 11.05 24.76 -13.18
N GLU D 177 11.59 24.69 -14.40
CA GLU D 177 11.14 25.61 -15.44
C GLU D 177 9.65 25.44 -15.70
N HIS D 178 9.17 24.19 -15.80
CA HIS D 178 7.74 23.99 -16.01
C HIS D 178 6.96 24.52 -14.82
N PHE D 179 7.41 24.20 -13.61
CA PHE D 179 6.68 24.63 -12.42
C PHE D 179 6.63 26.16 -12.33
N ILE D 180 7.76 26.82 -12.55
CA ILE D 180 7.77 28.28 -12.43
C ILE D 180 6.88 28.90 -13.49
N LYS D 181 7.06 28.50 -14.75
CA LYS D 181 6.29 29.13 -15.82
C LYS D 181 4.80 28.80 -15.74
N SER D 182 4.44 27.60 -15.25
CA SER D 182 3.02 27.28 -15.14
C SER D 182 2.33 28.07 -14.03
N HIS D 183 3.10 28.63 -13.09
CA HIS D 183 2.51 29.49 -12.07
C HIS D 183 2.84 30.96 -12.30
N ALA D 184 3.30 31.31 -13.49
CA ALA D 184 3.71 32.67 -13.80
C ALA D 184 2.74 33.34 -14.77
N SER D 185 2.64 34.66 -14.66
CA SER D 185 2.06 35.48 -15.73
C SER D 185 3.14 35.99 -16.68
N ASN D 186 4.25 36.47 -16.14
CA ASN D 186 5.34 37.04 -16.91
CA ASN D 186 5.33 37.01 -16.96
C ASN D 186 6.50 36.04 -16.89
N THR D 187 6.55 35.15 -17.90
CA THR D 187 7.64 34.19 -17.94
C THR D 187 8.96 34.83 -18.35
N GLU D 188 8.91 35.98 -19.04
CA GLU D 188 10.14 36.59 -19.57
C GLU D 188 11.10 37.03 -18.47
N VAL D 189 10.62 37.22 -17.24
CA VAL D 189 11.51 37.67 -16.18
C VAL D 189 12.42 36.56 -15.69
N PHE D 190 12.17 35.31 -16.10
CA PHE D 190 12.99 34.16 -15.70
C PHE D 190 13.95 33.82 -16.84
N SER D 191 15.15 34.40 -16.79
CA SER D 191 16.17 34.09 -17.77
C SER D 191 16.58 32.63 -17.65
N GLU D 192 17.19 32.10 -18.72
CA GLU D 192 17.71 30.75 -18.63
C GLU D 192 18.74 30.64 -17.52
N ARG D 193 19.56 31.68 -17.35
CA ARG D 193 20.57 31.68 -16.29
C ARG D 193 19.95 31.65 -14.90
N LEU D 194 18.92 32.47 -14.67
CA LEU D 194 18.25 32.46 -13.38
C LEU D 194 17.66 31.09 -13.08
N LEU D 195 17.05 30.45 -14.10
CA LEU D 195 16.50 29.11 -13.91
C LEU D 195 17.60 28.10 -13.61
N ASP D 196 18.76 28.26 -14.27
CA ASP D 196 19.92 27.40 -13.99
C ASP D 196 20.33 27.51 -12.52
N LEU D 197 20.41 28.72 -11.98
CA LEU D 197 20.84 28.92 -10.60
C LEU D 197 19.88 28.28 -9.61
N TYR D 198 18.58 28.51 -9.80
CA TYR D 198 17.62 27.89 -8.87
C TYR D 198 17.62 26.38 -9.01
N ALA D 199 17.71 25.86 -10.24
CA ALA D 199 17.67 24.40 -10.39
C ALA D 199 18.90 23.74 -9.80
N ARG D 200 20.09 24.37 -9.95
CA ARG D 200 21.28 23.78 -9.37
C ARG D 200 21.17 23.68 -7.85
N SER D 201 20.52 24.66 -7.22
CA SER D 201 20.42 24.65 -5.76
C SER D 201 19.49 23.56 -5.26
N TYR D 202 18.27 23.50 -5.79
CA TYR D 202 17.35 22.52 -5.22
C TYR D 202 17.60 21.12 -5.75
N ALA D 203 18.51 20.96 -6.72
CA ALA D 203 18.89 19.62 -7.17
C ALA D 203 19.84 18.91 -6.23
N LYS D 204 20.50 19.64 -5.31
CA LYS D 204 21.26 18.96 -4.26
C LYS D 204 20.37 17.91 -3.60
N PRO D 205 20.83 16.66 -3.47
CA PRO D 205 19.94 15.60 -2.97
C PRO D 205 19.21 15.94 -1.68
N HIS D 206 19.91 16.48 -0.67
CA HIS D 206 19.20 16.80 0.56
C HIS D 206 18.23 17.96 0.37
N SER D 207 18.49 18.85 -0.61
CA SER D 207 17.58 19.97 -0.85
C SER D 207 16.36 19.55 -1.67
N LEU D 208 16.54 18.62 -2.62
CA LEU D 208 15.40 18.10 -3.35
C LEU D 208 14.44 17.39 -2.39
N ASN D 209 14.99 16.58 -1.49
CA ASN D 209 14.15 15.92 -0.49
C ASN D 209 13.54 16.94 0.47
N ALA D 210 14.33 17.89 0.97
CA ALA D 210 13.78 18.85 1.92
C ALA D 210 12.61 19.61 1.33
N SER D 211 12.70 19.97 0.04
CA SER D 211 11.63 20.68 -0.64
C SER D 211 10.30 19.99 -0.45
N PHE D 212 10.28 18.68 -0.66
CA PHE D 212 9.02 17.95 -0.61
C PHE D 212 8.63 17.56 0.81
N GLU D 213 9.58 17.51 1.74
CA GLU D 213 9.22 17.23 3.13
C GLU D 213 8.34 18.31 3.73
N TYR D 214 8.49 19.57 3.27
CA TYR D 214 7.54 20.60 3.70
C TYR D 214 6.11 20.23 3.32
N TYR D 215 5.93 19.58 2.18
CA TYR D 215 4.58 19.19 1.77
C TYR D 215 4.13 17.92 2.44
N ARG D 216 5.06 17.00 2.72
CA ARG D 216 4.72 15.81 3.46
C ARG D 216 4.30 16.13 4.89
N ALA D 217 4.66 17.31 5.41
CA ALA D 217 4.20 17.75 6.71
C ALA D 217 3.00 18.70 6.64
N LEU D 218 2.42 18.92 5.45
CA LEU D 218 1.39 19.95 5.31
C LEU D 218 0.15 19.63 6.13
N ASN D 219 -0.33 18.39 6.10
CA ASN D 219 -1.52 18.08 6.89
C ASN D 219 -1.25 18.23 8.37
N GLU D 220 -0.03 17.89 8.81
CA GLU D 220 0.33 18.12 10.21
C GLU D 220 0.31 19.62 10.53
N SER D 221 0.81 20.45 9.60
CA SER D 221 0.76 21.88 9.83
C SER D 221 -0.68 22.40 9.89
N VAL D 222 -1.56 21.86 9.04
CA VAL D 222 -2.98 22.23 9.12
C VAL D 222 -3.54 21.91 10.50
N ARG D 223 -3.22 20.72 11.02
CA ARG D 223 -3.75 20.34 12.31
C ARG D 223 -3.17 21.23 13.42
N GLN D 224 -1.87 21.54 13.34
CA GLN D 224 -1.26 22.46 14.31
C GLN D 224 -1.96 23.81 14.28
N ASN D 225 -2.20 24.34 13.07
CA ASN D 225 -2.77 25.67 12.95
C ASN D 225 -4.21 25.72 13.41
N ALA D 226 -4.94 24.60 13.40
CA ALA D 226 -6.29 24.61 13.93
C ALA D 226 -6.30 25.02 15.39
N GLU D 227 -5.29 24.59 16.16
CA GLU D 227 -5.19 25.05 17.55
C GLU D 227 -4.64 26.47 17.63
N LEU D 228 -3.59 26.77 16.87
CA LEU D 228 -2.94 28.08 16.99
C LEU D 228 -3.89 29.22 16.63
N ALA D 229 -4.78 29.00 15.67
CA ALA D 229 -5.60 30.08 15.13
C ALA D 229 -6.70 30.54 16.07
N LYS D 230 -6.84 29.90 17.24
CA LYS D 230 -7.75 30.42 18.26
C LYS D 230 -7.31 31.78 18.79
N THR D 231 -6.07 32.18 18.52
CA THR D 231 -5.53 33.49 18.88
C THR D 231 -5.34 34.30 17.60
N ARG D 232 -6.07 35.40 17.47
CA ARG D 232 -5.95 36.21 16.28
C ARG D 232 -4.66 37.04 16.31
N LEU D 233 -4.22 37.45 15.11
CA LEU D 233 -3.04 38.29 14.97
C LEU D 233 -3.41 39.75 15.20
N GLN D 234 -2.62 40.44 16.02
CA GLN D 234 -2.91 41.81 16.42
C GLN D 234 -2.02 42.85 15.74
N MET D 235 -0.93 42.47 15.10
CA MET D 235 -0.02 43.44 14.51
C MET D 235 -0.50 43.89 13.13
N PRO D 236 -0.05 45.05 12.64
CA PRO D 236 -0.41 45.46 11.28
C PRO D 236 0.09 44.46 10.26
N THR D 237 -0.80 44.08 9.34
CA THR D 237 -0.53 43.04 8.36
C THR D 237 -0.91 43.54 6.96
N MET D 238 -0.09 43.18 5.96
CA MET D 238 -0.44 43.41 4.57
C MET D 238 -0.32 42.09 3.83
N THR D 239 -1.28 41.82 2.94
CA THR D 239 -1.17 40.69 2.02
C THR D 239 -0.97 41.21 0.60
N LEU D 240 -0.22 40.45 -0.19
CA LEU D 240 -0.04 40.71 -1.61
C LEU D 240 -0.33 39.44 -2.39
N ALA D 241 -0.95 39.60 -3.55
CA ALA D 241 -1.24 38.46 -4.40
C ALA D 241 -1.22 38.88 -5.86
N GLY D 242 -0.91 37.93 -6.73
CA GLY D 242 -0.97 38.21 -8.17
C GLY D 242 -2.40 38.13 -8.68
N GLY D 243 -2.72 38.98 -9.65
CA GLY D 243 -4.03 38.96 -10.27
C GLY D 243 -4.08 38.19 -11.57
N GLY D 244 -2.91 37.81 -12.09
CA GLY D 244 -2.83 37.09 -13.34
C GLY D 244 -2.73 35.58 -13.15
N HIS D 245 -2.37 34.90 -14.22
CA HIS D 245 -2.21 33.45 -14.18
C HIS D 245 -1.16 33.06 -13.15
N GLY D 246 -1.52 32.10 -12.27
CA GLY D 246 -0.68 31.69 -11.17
C GLY D 246 -0.96 32.42 -9.88
N GLY D 247 -1.70 33.52 -9.93
CA GLY D 247 -1.94 34.30 -8.73
C GLY D 247 -3.06 33.76 -7.89
N MET D 248 -3.02 34.09 -6.61
CA MET D 248 -4.09 33.73 -5.67
C MET D 248 -5.28 34.68 -5.73
N GLY D 249 -5.13 35.84 -6.36
CA GLY D 249 -6.25 36.76 -6.46
C GLY D 249 -6.75 37.17 -5.09
N THR D 250 -8.07 37.27 -4.96
CA THR D 250 -8.67 37.74 -3.73
C THR D 250 -8.52 36.76 -2.57
N PHE D 251 -8.10 35.51 -2.82
CA PHE D 251 -8.03 34.51 -1.75
C PHE D 251 -7.12 34.96 -0.62
N GLN D 252 -5.98 35.58 -0.94
CA GLN D 252 -4.98 35.87 0.07
C GLN D 252 -5.53 36.81 1.13
N LEU D 253 -6.13 37.94 0.71
CA LEU D 253 -6.70 38.87 1.66
C LEU D 253 -7.90 38.26 2.38
N GLU D 254 -8.76 37.56 1.65
CA GLU D 254 -9.97 37.06 2.28
C GLU D 254 -9.65 36.01 3.35
N GLN D 255 -8.66 35.15 3.10
CA GLN D 255 -8.25 34.24 4.17
C GLN D 255 -7.65 35.01 5.34
N MET D 256 -6.78 35.99 5.05
CA MET D 256 -6.08 36.68 6.14
C MET D 256 -7.05 37.44 7.03
N LYS D 257 -8.17 37.93 6.48
CA LYS D 257 -9.17 38.61 7.31
C LYS D 257 -9.66 37.72 8.44
N ALA D 258 -9.65 36.40 8.24
CA ALA D 258 -10.02 35.49 9.31
C ALA D 258 -8.93 35.33 10.36
N TYR D 259 -7.69 35.73 10.05
CA TYR D 259 -6.60 35.57 11.00
C TYR D 259 -6.18 36.87 11.68
N ALA D 260 -6.39 38.01 11.03
CA ALA D 260 -5.77 39.27 11.45
C ALA D 260 -6.83 40.34 11.63
N GLU D 261 -6.70 41.12 12.70
CA GLU D 261 -7.62 42.22 12.98
C GLU D 261 -7.33 43.43 12.10
N ASP D 262 -6.06 43.66 11.76
CA ASP D 262 -5.60 44.89 11.12
C ASP D 262 -4.87 44.46 9.86
N VAL D 263 -5.58 44.35 8.73
CA VAL D 263 -4.98 43.84 7.51
C VAL D 263 -5.44 44.69 6.32
N GLU D 264 -4.50 44.95 5.42
CA GLU D 264 -4.77 45.54 4.12
C GLU D 264 -4.22 44.59 3.07
N GLY D 265 -4.83 44.59 1.90
CA GLY D 265 -4.42 43.67 0.85
C GLY D 265 -4.35 44.39 -0.48
N HIS D 266 -3.51 43.86 -1.35
CA HIS D 266 -3.42 44.33 -2.73
C HIS D 266 -3.35 43.13 -3.65
N VAL D 267 -4.03 43.23 -4.79
CA VAL D 267 -3.92 42.28 -5.88
C VAL D 267 -3.23 43.00 -7.03
N LEU D 268 -2.16 42.41 -7.56
CA LEU D 268 -1.33 43.03 -8.58
C LEU D 268 -1.70 42.50 -9.95
N PRO D 269 -2.35 43.29 -10.80
CA PRO D 269 -2.70 42.80 -12.14
C PRO D 269 -1.45 42.57 -12.98
N GLY D 270 -1.51 41.56 -13.85
CA GLY D 270 -0.38 41.25 -14.70
C GLY D 270 0.73 40.48 -14.03
N CYS D 271 0.51 39.98 -12.82
CA CYS D 271 1.49 39.24 -12.04
C CYS D 271 0.90 37.90 -11.63
N GLY D 272 1.72 36.86 -11.68
CA GLY D 272 1.30 35.58 -11.17
C GLY D 272 1.83 35.28 -9.77
N HIS D 273 2.47 34.12 -9.61
CA HIS D 273 2.89 33.68 -8.28
C HIS D 273 4.20 34.31 -7.83
N TRP D 274 5.11 34.58 -8.74
CA TRP D 274 6.49 34.94 -8.38
C TRP D 274 6.65 36.45 -8.28
N LEU D 275 5.90 37.05 -7.35
CA LEU D 275 5.82 38.51 -7.25
C LEU D 275 7.18 39.20 -7.21
N PRO D 276 8.16 38.77 -6.41
CA PRO D 276 9.43 39.53 -6.37
C PRO D 276 10.14 39.60 -7.70
N GLU D 277 9.92 38.63 -8.59
CA GLU D 277 10.53 38.61 -9.91
C GLU D 277 9.61 39.14 -10.99
N GLU D 278 8.34 38.71 -11.01
CA GLU D 278 7.43 39.14 -12.07
C GLU D 278 7.03 40.59 -11.91
N CYS D 279 6.96 41.09 -10.68
CA CYS D 279 6.42 42.42 -10.43
C CYS D 279 7.27 43.07 -9.33
N ALA D 280 8.57 43.11 -9.60
CA ALA D 280 9.55 43.56 -8.61
C ALA D 280 9.30 44.99 -8.15
N ALA D 281 9.18 45.93 -9.10
CA ALA D 281 9.12 47.33 -8.68
C ALA D 281 7.85 47.63 -7.89
N PRO D 282 6.65 47.25 -8.33
CA PRO D 282 5.47 47.55 -7.51
C PRO D 282 5.41 46.73 -6.23
N MET D 283 5.86 45.49 -6.26
CA MET D 283 5.91 44.72 -5.02
C MET D 283 6.85 45.38 -4.02
N ASN D 284 8.07 45.74 -4.47
CA ASN D 284 9.02 46.39 -3.57
C ASN D 284 8.44 47.66 -2.99
N ARG D 285 7.78 48.46 -3.83
CA ARG D 285 7.23 49.73 -3.37
C ARG D 285 6.19 49.53 -2.27
N LEU D 286 5.29 48.55 -2.46
CA LEU D 286 4.24 48.34 -1.47
C LEU D 286 4.80 47.83 -0.16
N VAL D 287 5.80 46.95 -0.23
CA VAL D 287 6.43 46.41 0.96
C VAL D 287 7.19 47.52 1.70
N ILE D 288 8.04 48.26 0.98
CA ILE D 288 8.83 49.33 1.61
C ILE D 288 7.92 50.35 2.29
N ASP D 289 6.89 50.79 1.58
CA ASP D 289 5.99 51.81 2.13
C ASP D 289 5.21 51.28 3.34
N PHE D 290 4.72 50.04 3.27
CA PHE D 290 4.00 49.47 4.40
C PHE D 290 4.90 49.36 5.64
N LEU D 291 6.13 48.89 5.45
CA LEU D 291 7.03 48.74 6.59
C LEU D 291 7.56 50.08 7.11
N SER D 292 7.61 51.09 6.25
CA SER D 292 8.15 52.39 6.63
C SER D 292 7.15 53.28 7.35
N ARG D 293 5.86 52.94 7.33
CA ARG D 293 4.91 53.65 8.18
C ARG D 293 5.24 53.49 9.65
N GLY D 294 5.90 52.39 10.01
CA GLY D 294 6.26 52.11 11.38
C GLY D 294 7.47 52.88 11.88
N ARG D 295 8.66 52.35 11.63
CA ARG D 295 9.89 52.91 12.17
C ARG D 295 11.07 52.33 11.42
N HIS D 296 12.08 53.17 11.16
CA HIS D 296 13.21 52.74 10.34
C HIS D 296 14.32 53.77 10.45
N HIS D 297 15.46 53.44 9.85
CA HIS D 297 16.58 54.37 9.73
C HIS D 297 16.34 55.33 8.58
O2 7FB E . 0.81 -7.94 16.68
C6 7FB E . 0.02 -6.90 17.11
C5 7FB E . 0.24 -5.59 16.42
C4 7FB E . -0.25 -5.70 15.01
C3 7FB E . -1.62 -6.27 14.80
C2 7FB E . -2.19 -6.15 13.43
C1 7FB E . -3.67 -6.16 13.30
O2 7FB F . 1.82 -25.60 1.47
C6 7FB F . 1.52 -26.93 1.26
C5 7FB F . 2.66 -27.85 1.53
C4 7FB F . 2.89 -27.91 3.00
C3 7FB F . 1.71 -28.15 3.89
C2 7FB F . 1.97 -28.24 5.36
C1 7FB F . 0.84 -28.68 6.24
O2 7FB G . -7.57 8.32 -14.54
C6 7FB G . -8.61 7.42 -14.32
C5 7FB G . -8.21 6.06 -13.88
C4 7FB G . -7.82 6.11 -12.44
C3 7FB G . -8.81 6.71 -11.49
C2 7FB G . -8.48 6.70 -10.03
C1 7FB G . -9.60 6.58 -9.06
O2 7FB H . 3.16 25.34 -2.86
C6 7FB H . 3.32 26.64 -2.45
C5 7FB H . 4.20 27.44 -3.35
C4 7FB H . 3.58 27.51 -4.71
C3 7FB H . 2.11 27.73 -4.77
C2 7FB H . 1.50 28.03 -6.10
C1 7FB H . 0.17 28.70 -6.12
#